data_5NNB
#
_entry.id   5NNB
#
_cell.length_a   38.346
_cell.length_b   69.923
_cell.length_c   93.536
_cell.angle_alpha   108.23
_cell.angle_beta   95.26
_cell.angle_gamma   103.76
#
_symmetry.space_group_name_H-M   'P 1'
#
loop_
_entity.id
_entity.type
_entity.pdbx_description
1 polymer 'isatin hydrolase A'
2 non-polymer 'MANGANESE (II) ION'
3 non-polymer 'Isatinic acid'
4 water water
#
_entity_poly.entity_id   1
_entity_poly.type   'polypeptide(L)'
_entity_poly.pdbx_seq_one_letter_code
;MSSLNQLVSGLASGAVRIVDLTHTLDPDFPVIVLPPEFGQCARFRMEEISAYDHRGPAWKWHNISMSEHTGTHFDAPSHW
ISGKDVPNGSVDEIPAEAFVGPVVVIDCSKGAAENDDFELTPEIIAGWESEHGRIPEDAWVLMRTDWSKRRGADYLNMRA
DGPHSPGPTPEAIRFLIEERNIRGFGTETVGTDAGQGAHYVPPYPAHYLLHGAGKYGLQCLANLDQLPATGAVLIAAPLK
IKNGTGSPLRVLAMVTE
;
_entity_poly.pdbx_strand_id   A,B,C,D
#
# COMPACT_ATOMS: atom_id res chain seq x y z
N SER A 2 36.71 14.19 25.34
CA SER A 2 36.73 14.00 26.79
C SER A 2 35.76 12.90 27.20
N SER A 3 34.50 13.26 27.38
CA SER A 3 33.49 12.27 27.78
C SER A 3 33.17 11.34 26.61
N LEU A 4 33.27 11.84 25.38
CA LEU A 4 33.04 10.99 24.22
C LEU A 4 34.19 10.00 24.03
N ASN A 5 35.41 10.44 24.33
CA ASN A 5 36.57 9.57 24.25
C ASN A 5 36.41 8.40 25.21
N GLN A 6 35.85 8.70 26.38
CA GLN A 6 35.65 7.64 27.38
C GLN A 6 34.50 6.72 26.95
N LEU A 7 33.48 7.27 26.29
CA LEU A 7 32.41 6.44 25.75
C LEU A 7 32.92 5.48 24.70
N VAL A 8 33.76 5.98 23.80
CA VAL A 8 34.33 5.17 22.73
C VAL A 8 35.13 4.01 23.33
N SER A 9 35.93 4.35 24.33
CA SER A 9 36.79 3.38 25.01
C SER A 9 35.97 2.31 25.71
N GLY A 10 34.88 2.75 26.32
CA GLY A 10 33.98 1.82 26.99
C GLY A 10 33.28 0.91 26.01
N LEU A 11 32.80 1.47 24.90
CA LEU A 11 32.12 0.67 23.90
C LEU A 11 33.08 -0.35 23.28
N ALA A 12 34.31 0.06 23.04
CA ALA A 12 35.30 -0.80 22.41
C ALA A 12 35.69 -1.95 23.33
N SER A 13 35.82 -1.65 24.61
CA SER A 13 36.30 -2.64 25.56
C SER A 13 35.18 -3.50 26.12
N GLY A 14 33.95 -3.01 26.01
CA GLY A 14 32.84 -3.74 26.59
C GLY A 14 32.45 -3.28 28.00
N ALA A 15 33.16 -2.29 28.53
CA ALA A 15 32.80 -1.68 29.81
C ALA A 15 31.43 -0.97 29.66
N VAL A 16 31.14 -0.54 28.44
CA VAL A 16 29.81 -0.06 28.12
C VAL A 16 29.19 -1.04 27.13
N ARG A 17 28.02 -1.57 27.48
CA ARG A 17 27.34 -2.53 26.63
C ARG A 17 26.14 -1.86 25.97
N ILE A 18 25.76 -2.35 24.80
CA ILE A 18 24.56 -1.85 24.13
C ILE A 18 23.46 -2.92 24.16
N VAL A 19 22.32 -2.56 24.72
CA VAL A 19 21.18 -3.47 24.75
C VAL A 19 20.18 -3.06 23.66
N ASP A 20 19.78 -4.01 22.83
CA ASP A 20 18.80 -3.80 21.78
C ASP A 20 17.41 -3.91 22.37
N LEU A 21 16.65 -2.81 22.31
CA LEU A 21 15.31 -2.82 22.91
C LEU A 21 14.21 -2.95 21.83
N THR A 22 14.58 -3.49 20.67
CA THR A 22 13.68 -3.48 19.53
C THR A 22 13.19 -4.88 19.15
N HIS A 23 11.88 -4.99 18.92
CA HIS A 23 11.30 -6.17 18.31
C HIS A 23 11.60 -6.14 16.82
N THR A 24 11.73 -7.33 16.23
CA THR A 24 11.88 -7.43 14.79
C THR A 24 10.65 -6.88 14.05
N LEU A 25 10.88 -6.07 13.01
CA LEU A 25 9.82 -5.63 12.11
C LEU A 25 9.48 -6.75 11.15
N ASP A 26 8.23 -7.21 11.20
CA ASP A 26 7.76 -8.32 10.40
C ASP A 26 6.22 -8.28 10.30
N PRO A 27 5.63 -8.96 9.30
CA PRO A 27 4.16 -8.88 9.12
C PRO A 27 3.36 -9.36 10.33
N ASP A 28 3.93 -10.24 11.13
CA ASP A 28 3.17 -10.90 12.18
C ASP A 28 3.16 -10.18 13.52
N PHE A 29 4.03 -9.20 13.70
CA PHE A 29 4.02 -8.50 14.98
C PHE A 29 2.76 -7.64 15.10
N PRO A 30 2.00 -7.80 16.20
CA PRO A 30 0.72 -7.11 16.34
C PRO A 30 0.85 -5.58 16.45
N VAL A 31 -0.15 -4.88 15.92
CA VAL A 31 -0.23 -3.44 16.03
C VAL A 31 -1.50 -3.05 16.77
N ILE A 32 -1.58 -1.80 17.20
CA ILE A 32 -2.74 -1.40 18.00
C ILE A 32 -4.03 -1.59 17.18
N VAL A 33 -5.08 -2.04 17.84
CA VAL A 33 -6.37 -2.21 17.18
C VAL A 33 -7.38 -1.22 17.79
N LEU A 34 -8.08 -0.46 16.93
CA LEU A 34 -9.06 0.53 17.38
C LEU A 34 -10.47 0.07 17.04
N PRO A 35 -11.51 0.73 17.63
CA PRO A 35 -12.86 0.43 17.18
C PRO A 35 -12.98 0.51 15.66
N PRO A 36 -13.71 -0.46 15.07
CA PRO A 36 -13.74 -0.68 13.62
C PRO A 36 -14.18 0.52 12.77
N GLU A 37 -14.90 1.48 13.33
CA GLU A 37 -15.33 2.64 12.55
C GLU A 37 -14.14 3.54 12.18
N PHE A 38 -13.03 3.40 12.89
CA PHE A 38 -11.85 4.23 12.70
C PHE A 38 -10.82 3.61 11.72
N GLY A 39 -9.98 4.48 11.16
CA GLY A 39 -8.83 4.02 10.40
C GLY A 39 -7.92 3.24 11.32
N GLN A 40 -7.27 2.22 10.77
CA GLN A 40 -6.47 1.30 11.58
C GLN A 40 -4.98 1.41 11.25
N CYS A 41 -4.15 1.18 12.26
CA CYS A 41 -2.70 1.04 12.08
C CYS A 41 -2.40 -0.16 11.18
N ALA A 42 -1.44 -0.01 10.29
CA ALA A 42 -1.10 -1.08 9.36
C ALA A 42 0.05 -1.91 9.89
N ARG A 43 0.09 -3.17 9.45
CA ARG A 43 1.17 -4.07 9.76
C ARG A 43 2.36 -3.81 8.83
N PHE A 44 3.54 -4.25 9.23
CA PHE A 44 4.71 -4.14 8.38
C PHE A 44 4.58 -5.10 7.21
N ARG A 45 4.95 -4.66 6.00
CA ARG A 45 4.93 -5.52 4.84
C ARG A 45 6.21 -5.27 4.03
N MET A 46 6.70 -6.30 3.35
CA MET A 46 7.87 -6.14 2.48
C MET A 46 7.84 -7.06 1.27
N GLU A 47 8.42 -6.60 0.17
CA GLU A 47 8.46 -7.39 -1.06
C GLU A 47 9.83 -7.22 -1.72
N GLU A 48 10.33 -8.28 -2.33
CA GLU A 48 11.61 -8.21 -3.02
C GLU A 48 11.59 -7.36 -4.28
N ILE A 49 12.57 -6.47 -4.42
CA ILE A 49 12.81 -5.79 -5.69
C ILE A 49 13.66 -6.71 -6.58
N SER A 50 14.70 -7.29 -5.99
CA SER A 50 15.52 -8.28 -6.65
C SER A 50 16.22 -9.12 -5.60
N ALA A 51 16.74 -10.28 -5.98
CA ALA A 51 17.52 -11.11 -5.08
C ALA A 51 18.65 -11.80 -5.83
N TYR A 52 19.63 -11.01 -6.27
CA TYR A 52 20.75 -11.47 -7.08
C TYR A 52 20.28 -12.27 -8.31
N ASP A 53 19.32 -11.72 -9.03
CA ASP A 53 18.70 -12.40 -10.15
C ASP A 53 18.56 -11.47 -11.35
N HIS A 54 17.72 -11.84 -12.31
CA HIS A 54 17.60 -11.03 -13.53
C HIS A 54 17.05 -9.62 -13.21
N ARG A 55 16.37 -9.47 -12.08
CA ARG A 55 15.87 -8.15 -11.68
C ARG A 55 16.95 -7.27 -11.05
N GLY A 56 18.08 -7.87 -10.68
CA GLY A 56 19.15 -7.14 -10.03
C GLY A 56 20.28 -8.10 -9.73
N PRO A 57 21.15 -8.33 -10.72
CA PRO A 57 22.07 -9.48 -10.72
C PRO A 57 23.00 -9.58 -9.52
N ALA A 58 23.49 -8.45 -9.02
CA ALA A 58 24.53 -8.50 -8.01
C ALA A 58 24.05 -8.00 -6.66
N TRP A 59 22.74 -7.78 -6.53
CA TRP A 59 22.22 -7.19 -5.31
C TRP A 59 20.82 -7.67 -4.91
N LYS A 60 20.49 -7.46 -3.64
CA LYS A 60 19.20 -7.84 -3.09
C LYS A 60 18.66 -6.68 -2.26
N TRP A 61 17.36 -6.41 -2.39
CA TRP A 61 16.72 -5.36 -1.63
C TRP A 61 15.20 -5.44 -1.74
N HIS A 62 14.52 -4.78 -0.81
CA HIS A 62 13.07 -4.84 -0.70
C HIS A 62 12.39 -3.46 -0.71
N ASN A 63 11.13 -3.44 -1.17
CA ASN A 63 10.23 -2.34 -0.84
C ASN A 63 9.53 -2.69 0.47
N ILE A 64 9.28 -1.68 1.29
CA ILE A 64 8.66 -1.87 2.60
C ILE A 64 7.52 -0.88 2.80
N SER A 65 6.51 -1.29 3.55
CA SER A 65 5.41 -0.40 3.89
C SER A 65 4.97 -0.72 5.32
N MET A 66 4.50 0.31 6.02
CA MET A 66 4.07 0.17 7.41
C MET A 66 3.32 1.41 7.84
N SER A 67 3.02 1.53 9.12
CA SER A 67 2.52 2.79 9.63
C SER A 67 3.62 3.43 10.41
N GLU A 68 3.45 4.71 10.69
CA GLU A 68 4.31 5.41 11.62
C GLU A 68 4.28 4.74 12.99
N HIS A 69 3.17 4.08 13.30
CA HIS A 69 3.00 3.49 14.65
C HIS A 69 2.99 1.94 14.63
N THR A 70 3.81 1.39 13.75
CA THR A 70 3.99 -0.05 13.62
C THR A 70 5.20 -0.53 14.43
N GLY A 71 5.02 -1.57 15.23
CA GLY A 71 6.13 -2.20 15.93
C GLY A 71 6.75 -1.34 17.01
N THR A 72 8.00 -1.63 17.35
CA THR A 72 8.75 -0.78 18.25
C THR A 72 8.83 0.59 17.63
N HIS A 73 8.17 1.57 18.23
CA HIS A 73 8.09 2.87 17.60
C HIS A 73 7.95 4.01 18.59
N PHE A 74 8.11 5.19 18.03
CA PHE A 74 8.25 6.46 18.72
C PHE A 74 7.02 7.29 18.40
N ASP A 75 6.42 7.91 19.40
CA ASP A 75 5.27 8.80 19.18
C ASP A 75 5.67 10.25 19.43
N ALA A 76 5.42 11.10 18.43
CA ALA A 76 5.70 12.52 18.52
C ALA A 76 4.44 13.25 18.98
N PRO A 77 4.58 14.46 19.56
CA PRO A 77 3.42 15.19 20.07
C PRO A 77 2.30 15.42 19.07
N SER A 78 2.63 15.57 17.79
CA SER A 78 1.62 15.84 16.78
C SER A 78 0.67 14.66 16.58
N HIS A 79 1.05 13.50 17.12
CA HIS A 79 0.20 12.33 17.04
C HIS A 79 -1.17 12.57 17.69
N TRP A 80 -1.23 13.42 18.71
CA TRP A 80 -2.51 13.61 19.40
C TRP A 80 -3.01 15.01 19.16
N ILE A 81 -4.35 15.16 19.19
CA ILE A 81 -4.95 16.44 18.93
C ILE A 81 -4.43 17.50 19.94
N SER A 82 -4.09 17.07 21.16
CA SER A 82 -3.58 18.01 22.16
C SER A 82 -2.16 18.53 21.86
N GLY A 83 -1.43 17.82 21.03
CA GLY A 83 -0.07 18.21 20.67
C GLY A 83 0.08 18.69 19.24
N LYS A 84 -1.05 18.93 18.57
CA LYS A 84 -1.06 19.29 17.14
C LYS A 84 -0.26 20.55 16.86
N ASP A 85 -0.27 21.47 17.83
CA ASP A 85 0.30 22.79 17.62
C ASP A 85 1.50 23.11 18.52
N VAL A 86 2.03 22.12 19.25
CA VAL A 86 3.21 22.40 20.06
C VAL A 86 4.42 22.60 19.14
N PRO A 87 5.31 23.53 19.50
CA PRO A 87 6.48 23.69 18.62
C PRO A 87 7.33 22.43 18.60
N ASN A 88 7.96 22.18 17.45
CA ASN A 88 8.75 20.98 17.22
C ASN A 88 7.93 19.71 17.44
N GLY A 89 6.66 19.72 17.01
CA GLY A 89 5.75 18.64 17.33
C GLY A 89 5.80 17.40 16.47
N SER A 90 6.43 17.48 15.28
CA SER A 90 6.53 16.34 14.38
C SER A 90 7.91 15.71 14.49
N VAL A 91 8.04 14.43 14.12
CA VAL A 91 9.31 13.72 14.35
C VAL A 91 10.46 14.36 13.61
N ASP A 92 10.17 15.09 12.55
CA ASP A 92 11.27 15.69 11.81
C ASP A 92 11.70 17.03 12.43
N GLU A 93 10.98 17.48 13.46
CA GLU A 93 11.25 18.79 14.07
C GLU A 93 11.86 18.67 15.47
N ILE A 94 11.68 17.51 16.10
CA ILE A 94 12.21 17.28 17.44
C ILE A 94 13.73 17.45 17.45
N PRO A 95 14.24 18.29 18.36
CA PRO A 95 15.69 18.54 18.53
C PRO A 95 16.44 17.23 18.75
N ALA A 96 17.57 17.06 18.06
CA ALA A 96 18.30 15.80 18.11
C ALA A 96 18.76 15.43 19.52
N GLU A 97 18.98 16.43 20.38
CA GLU A 97 19.41 16.13 21.75
C GLU A 97 18.34 15.36 22.52
N ALA A 98 17.09 15.38 22.04
CA ALA A 98 16.01 14.62 22.67
C ALA A 98 16.16 13.11 22.45
N PHE A 99 17.04 12.71 21.53
CA PHE A 99 17.10 11.33 21.10
C PHE A 99 18.11 10.51 21.94
N VAL A 100 18.90 11.19 22.75
CA VAL A 100 19.86 10.52 23.64
C VAL A 100 19.76 11.14 25.01
N GLY A 101 19.51 10.31 26.03
CA GLY A 101 19.41 10.84 27.37
C GLY A 101 19.24 9.79 28.45
N PRO A 102 19.25 10.23 29.69
CA PRO A 102 19.14 9.30 30.82
C PRO A 102 17.78 8.59 30.79
N VAL A 103 17.75 7.35 31.27
CA VAL A 103 16.50 6.60 31.32
C VAL A 103 16.39 5.89 32.67
N VAL A 104 15.19 5.88 33.23
CA VAL A 104 14.94 5.09 34.43
C VAL A 104 13.92 4.01 34.12
N VAL A 105 14.05 2.88 34.80
CA VAL A 105 13.18 1.75 34.50
C VAL A 105 12.43 1.37 35.75
N ILE A 106 11.12 1.46 35.70
CA ILE A 106 10.29 1.07 36.84
C ILE A 106 9.75 -0.35 36.64
N ASP A 107 10.14 -1.26 37.52
CA ASP A 107 9.75 -2.66 37.32
C ASP A 107 8.34 -2.98 37.82
N CYS A 108 7.42 -3.14 36.89
CA CYS A 108 6.04 -3.50 37.21
C CYS A 108 5.68 -4.90 36.75
N SER A 109 6.69 -5.74 36.56
CA SER A 109 6.48 -7.07 35.98
C SER A 109 5.73 -8.02 36.92
N LYS A 110 6.02 -7.95 38.21
CA LYS A 110 5.30 -8.78 39.16
C LYS A 110 3.82 -8.41 39.15
N GLY A 111 3.52 -7.11 39.14
CA GLY A 111 2.16 -6.63 39.08
C GLY A 111 1.43 -7.01 37.81
N ALA A 112 2.13 -6.87 36.69
CA ALA A 112 1.58 -7.21 35.39
C ALA A 112 1.27 -8.70 35.27
N ALA A 113 2.07 -9.52 35.93
CA ALA A 113 1.89 -10.96 35.89
C ALA A 113 0.63 -11.36 36.65
N GLU A 114 0.20 -10.51 37.58
CA GLU A 114 -0.95 -10.82 38.41
C GLU A 114 -2.22 -10.13 37.91
N ASN A 115 -2.05 -9.09 37.11
CA ASN A 115 -3.19 -8.30 36.64
C ASN A 115 -2.92 -7.79 35.22
N ASP A 116 -3.72 -8.26 34.27
CA ASP A 116 -3.58 -7.83 32.86
C ASP A 116 -3.72 -6.33 32.72
N ASP A 117 -4.54 -5.73 33.59
CA ASP A 117 -4.81 -4.30 33.55
C ASP A 117 -4.02 -3.52 34.58
N PHE A 118 -2.84 -4.02 34.93
CA PHE A 118 -2.06 -3.42 36.02
C PHE A 118 -1.76 -1.95 35.79
N GLU A 119 -1.94 -1.15 36.85
CA GLU A 119 -1.81 0.30 36.72
C GLU A 119 -0.57 0.88 37.37
N LEU A 120 0.24 1.59 36.59
CA LEU A 120 1.27 2.45 37.16
C LEU A 120 0.61 3.70 37.75
N THR A 121 0.82 3.92 39.03
CA THR A 121 0.23 5.01 39.78
C THR A 121 1.32 5.93 40.31
N PRO A 122 0.96 7.16 40.71
CA PRO A 122 1.89 8.04 41.44
C PRO A 122 2.50 7.38 42.69
N GLU A 123 1.68 6.67 43.44
CA GLU A 123 2.15 5.98 44.66
C GLU A 123 3.26 4.98 44.33
N ILE A 124 3.07 4.23 43.25
CA ILE A 124 4.08 3.27 42.78
C ILE A 124 5.35 3.98 42.38
N ILE A 125 5.20 5.12 41.70
CA ILE A 125 6.34 5.93 41.31
C ILE A 125 7.07 6.44 42.56
N ALA A 126 6.30 6.86 43.56
CA ALA A 126 6.84 7.34 44.83
C ALA A 126 7.64 6.25 45.53
N GLY A 127 7.13 5.01 45.45
CA GLY A 127 7.81 3.86 46.01
C GLY A 127 9.11 3.59 45.27
N TRP A 128 9.07 3.74 43.95
CA TRP A 128 10.26 3.55 43.14
C TRP A 128 11.32 4.58 43.52
N GLU A 129 10.92 5.83 43.68
CA GLU A 129 11.84 6.91 44.02
C GLU A 129 12.44 6.79 45.44
N SER A 130 11.70 6.23 46.38
CA SER A 130 12.26 6.05 47.71
C SER A 130 13.44 5.08 47.64
N GLU A 131 13.43 4.20 46.64
CA GLU A 131 14.47 3.18 46.48
C GLU A 131 15.61 3.61 45.54
N HIS A 132 15.26 4.29 44.45
CA HIS A 132 16.22 4.59 43.39
C HIS A 132 16.51 6.08 43.21
N GLY A 133 16.01 6.90 44.12
CA GLY A 133 16.21 8.33 44.03
C GLY A 133 15.16 8.98 43.15
N ARG A 134 15.06 10.30 43.25
CA ARG A 134 14.10 11.07 42.49
C ARG A 134 14.35 10.88 41.00
N ILE A 135 13.27 10.76 40.22
CA ILE A 135 13.40 10.71 38.76
C ILE A 135 14.05 12.00 38.29
N PRO A 136 15.20 11.88 37.60
CA PRO A 136 15.89 13.10 37.14
C PRO A 136 15.07 13.82 36.07
N GLU A 137 15.18 15.14 36.03
CA GLU A 137 14.47 15.94 35.04
C GLU A 137 14.89 15.56 33.61
N ASP A 138 13.94 15.64 32.69
CA ASP A 138 14.17 15.38 31.26
C ASP A 138 14.64 13.97 31.00
N ALA A 139 14.23 13.05 31.86
CA ALA A 139 14.57 11.64 31.69
C ALA A 139 13.47 10.91 30.94
N TRP A 140 13.87 9.85 30.24
CA TRP A 140 12.93 8.85 29.74
C TRP A 140 12.52 7.96 30.93
N VAL A 141 11.22 7.68 31.04
CA VAL A 141 10.70 6.73 32.05
C VAL A 141 10.13 5.50 31.32
N LEU A 142 10.66 4.32 31.62
CA LEU A 142 10.14 3.11 31.00
C LEU A 142 9.38 2.28 32.02
N MET A 143 8.16 1.89 31.65
CA MET A 143 7.36 0.98 32.48
C MET A 143 7.61 -0.45 32.06
N ARG A 144 8.45 -1.13 32.84
CA ARG A 144 8.75 -2.52 32.55
C ARG A 144 7.67 -3.46 33.05
N THR A 145 7.23 -4.36 32.19
CA THR A 145 6.17 -5.31 32.55
C THR A 145 6.49 -6.72 32.10
N ASP A 146 7.56 -6.88 31.32
CA ASP A 146 7.88 -8.16 30.68
C ASP A 146 6.73 -8.63 29.79
N TRP A 147 5.93 -7.68 29.32
CA TRP A 147 4.82 -8.01 28.43
C TRP A 147 5.36 -8.56 27.12
N SER A 148 6.58 -8.16 26.78
CA SER A 148 7.25 -8.54 25.55
C SER A 148 7.54 -10.03 25.46
N LYS A 149 7.40 -10.73 26.58
CA LYS A 149 7.62 -12.17 26.61
C LYS A 149 6.40 -12.91 26.08
N ARG A 150 5.27 -12.21 26.07
CA ARG A 150 4.03 -12.77 25.56
C ARG A 150 4.03 -12.87 24.05
N ARG A 151 3.70 -14.05 23.54
CA ARG A 151 3.56 -14.22 22.11
C ARG A 151 2.14 -14.65 21.78
N GLY A 152 1.83 -14.66 20.49
CA GLY A 152 0.50 -14.99 20.01
C GLY A 152 -0.49 -13.90 20.35
N ALA A 153 -1.74 -14.29 20.53
CA ALA A 153 -2.81 -13.35 20.81
C ALA A 153 -2.67 -12.74 22.19
N ASP A 154 -1.80 -13.32 23.02
CA ASP A 154 -1.62 -12.85 24.38
C ASP A 154 -0.99 -11.46 24.46
N TYR A 155 -0.34 -11.03 23.39
CA TYR A 155 0.35 -9.76 23.43
C TYR A 155 -0.61 -8.58 23.38
N LEU A 156 -1.53 -8.57 22.41
CA LEU A 156 -2.62 -7.59 22.39
C LEU A 156 -3.59 -7.86 23.54
N ASN A 157 -3.80 -9.14 23.81
CA ASN A 157 -4.71 -9.57 24.89
C ASN A 157 -6.12 -9.03 24.71
N MET A 158 -6.64 -9.20 23.49
CA MET A 158 -7.96 -8.73 23.13
C MET A 158 -9.05 -9.62 23.75
N ARG A 159 -9.97 -9.00 24.48
CA ARG A 159 -11.15 -9.71 24.96
C ARG A 159 -12.40 -9.15 24.27
N ALA A 160 -13.57 -9.61 24.70
CA ALA A 160 -14.83 -9.18 24.13
C ALA A 160 -15.06 -7.70 24.37
N ASP A 161 -14.49 -7.19 25.46
CA ASP A 161 -14.63 -5.78 25.82
C ASP A 161 -13.38 -4.95 25.51
N GLY A 162 -12.53 -5.47 24.63
CA GLY A 162 -11.34 -4.74 24.23
C GLY A 162 -10.04 -5.33 24.74
N PRO A 163 -8.92 -4.67 24.44
CA PRO A 163 -7.62 -5.17 24.89
C PRO A 163 -7.40 -4.93 26.38
N HIS A 164 -6.67 -5.84 27.01
CA HIS A 164 -6.34 -5.74 28.42
C HIS A 164 -4.84 -5.84 28.60
N SER A 165 -4.21 -4.72 28.93
CA SER A 165 -2.77 -4.66 29.07
C SER A 165 -2.40 -3.50 30.00
N PRO A 166 -1.29 -3.64 30.75
CA PRO A 166 -0.89 -2.64 31.73
C PRO A 166 -0.71 -1.25 31.15
N GLY A 167 -0.75 -0.25 32.02
CA GLY A 167 -0.55 1.11 31.56
C GLY A 167 -0.57 2.09 32.72
N PRO A 168 -0.28 3.36 32.43
CA PRO A 168 -0.24 4.40 33.46
C PRO A 168 -1.61 5.01 33.68
N THR A 169 -1.92 5.43 34.90
CA THR A 169 -3.13 6.19 35.17
C THR A 169 -2.93 7.64 34.74
N PRO A 170 -4.03 8.37 34.54
CA PRO A 170 -3.89 9.80 34.27
C PRO A 170 -3.10 10.52 35.34
N GLU A 171 -3.31 10.17 36.60
CA GLU A 171 -2.58 10.83 37.67
C GLU A 171 -1.09 10.54 37.59
N ALA A 172 -0.72 9.33 37.20
CA ALA A 172 0.67 8.97 37.07
C ALA A 172 1.36 9.79 36.00
N ILE A 173 0.71 9.91 34.85
CA ILE A 173 1.28 10.68 33.75
C ILE A 173 1.38 12.14 34.15
N ARG A 174 0.30 12.67 34.72
CA ARG A 174 0.30 14.06 35.15
C ARG A 174 1.41 14.34 36.18
N PHE A 175 1.62 13.39 37.09
CA PHE A 175 2.66 13.53 38.09
C PHE A 175 4.04 13.59 37.42
N LEU A 176 4.28 12.67 36.49
CA LEU A 176 5.56 12.60 35.80
C LEU A 176 5.81 13.89 35.01
N ILE A 177 4.76 14.44 34.40
CA ILE A 177 4.92 15.66 33.62
C ILE A 177 5.07 16.89 34.51
N GLU A 178 4.10 17.10 35.38
CA GLU A 178 4.07 18.33 36.16
C GLU A 178 5.05 18.36 37.32
N GLU A 179 5.32 17.20 37.93
CA GLU A 179 6.14 17.15 39.14
C GLU A 179 7.56 16.64 38.91
N ARG A 180 7.80 16.07 37.74
CA ARG A 180 9.13 15.54 37.43
C ARG A 180 9.68 16.01 36.09
N ASN A 181 8.80 16.61 35.27
CA ASN A 181 9.18 17.06 33.93
C ASN A 181 9.99 16.05 33.12
N ILE A 182 9.42 14.86 32.92
CA ILE A 182 10.06 13.84 32.12
C ILE A 182 10.10 14.18 30.63
N ARG A 183 11.04 13.57 29.93
CA ARG A 183 11.14 13.76 28.50
C ARG A 183 10.12 12.94 27.76
N GLY A 184 9.86 11.74 28.27
CA GLY A 184 9.00 10.80 27.59
C GLY A 184 8.73 9.52 28.37
N PHE A 185 7.78 8.74 27.87
CA PHE A 185 7.29 7.55 28.55
C PHE A 185 7.25 6.37 27.59
N GLY A 186 7.75 5.22 28.04
CA GLY A 186 7.83 4.04 27.22
C GLY A 186 7.32 2.76 27.85
N THR A 187 6.82 1.85 27.01
CA THR A 187 6.26 0.58 27.48
C THR A 187 6.65 -0.61 26.59
N GLU A 188 6.41 -1.82 27.11
CA GLU A 188 6.57 -3.04 26.34
C GLU A 188 5.28 -3.52 25.69
N THR A 189 4.18 -2.82 25.95
CA THR A 189 2.88 -3.15 25.36
C THR A 189 2.71 -2.41 24.02
N VAL A 190 1.57 -2.57 23.36
CA VAL A 190 1.38 -1.93 22.05
C VAL A 190 1.20 -0.42 22.16
N GLY A 191 0.74 0.03 23.32
CA GLY A 191 0.52 1.45 23.53
C GLY A 191 1.18 2.02 24.76
N THR A 192 1.32 3.34 24.78
CA THR A 192 1.81 4.03 25.96
C THR A 192 0.68 4.10 26.95
N ASP A 193 -0.55 3.88 26.48
CA ASP A 193 -1.70 3.81 27.38
C ASP A 193 -2.09 2.38 27.72
N ALA A 194 -2.80 2.21 28.85
CA ALA A 194 -3.37 0.91 29.19
C ALA A 194 -4.27 0.41 28.06
N GLY A 195 -4.46 -0.90 27.98
CA GLY A 195 -5.32 -1.48 26.97
C GLY A 195 -6.72 -0.90 27.02
N GLN A 196 -7.18 -0.70 28.25
CA GLN A 196 -8.50 -0.15 28.53
C GLN A 196 -8.45 1.38 28.67
N GLY A 197 -7.39 1.99 28.15
CA GLY A 197 -7.14 3.41 28.32
C GLY A 197 -8.18 4.36 27.75
N ALA A 198 -9.07 3.87 26.87
CA ALA A 198 -10.15 4.70 26.33
C ALA A 198 -11.12 5.13 27.42
N HIS A 199 -11.10 4.42 28.54
CA HIS A 199 -12.10 4.63 29.58
C HIS A 199 -11.56 5.45 30.75
N TYR A 200 -10.34 5.96 30.61
CA TYR A 200 -9.79 6.92 31.54
C TYR A 200 -10.31 8.32 31.23
N VAL A 201 -10.10 9.27 32.14
CA VAL A 201 -10.37 10.67 31.85
C VAL A 201 -9.13 11.50 32.13
N PRO A 202 -8.56 12.11 31.07
CA PRO A 202 -9.08 12.10 29.69
C PRO A 202 -8.84 10.76 29.00
N PRO A 203 -9.60 10.46 27.94
CA PRO A 203 -9.38 9.24 27.16
C PRO A 203 -7.94 9.12 26.66
N TYR A 204 -7.34 7.95 26.80
CA TYR A 204 -5.95 7.74 26.43
C TYR A 204 -5.06 8.82 27.01
N PRO A 205 -4.99 8.89 28.35
CA PRO A 205 -4.32 9.97 29.07
C PRO A 205 -2.81 10.08 28.79
N ALA A 206 -2.12 8.96 28.56
CA ALA A 206 -0.71 9.07 28.26
C ALA A 206 -0.56 9.93 27.02
N HIS A 207 -1.30 9.60 25.97
CA HIS A 207 -1.22 10.37 24.73
C HIS A 207 -1.67 11.81 24.92
N TYR A 208 -2.86 11.98 25.49
CA TYR A 208 -3.42 13.30 25.62
C TYR A 208 -2.50 14.20 26.45
N LEU A 209 -2.03 13.70 27.58
CA LEU A 209 -1.24 14.53 28.48
C LEU A 209 0.22 14.70 28.03
N LEU A 210 0.86 13.59 27.67
CA LEU A 210 2.26 13.65 27.26
C LEU A 210 2.40 14.52 26.04
N HIS A 211 1.60 14.22 25.03
CA HIS A 211 1.74 14.91 23.75
C HIS A 211 1.25 16.36 23.85
N GLY A 212 0.31 16.60 24.76
CA GLY A 212 -0.12 17.95 25.08
C GLY A 212 0.98 18.77 25.74
N ALA A 213 1.91 18.08 26.40
CA ALA A 213 3.03 18.79 27.01
C ALA A 213 4.30 18.76 26.15
N GLY A 214 4.18 18.26 24.93
CA GLY A 214 5.30 18.20 24.00
C GLY A 214 6.30 17.11 24.36
N LYS A 215 5.80 16.08 25.04
CA LYS A 215 6.60 14.93 25.47
C LYS A 215 6.38 13.77 24.52
N TYR A 216 7.22 12.74 24.63
CA TYR A 216 7.26 11.66 23.64
C TYR A 216 6.80 10.31 24.16
N GLY A 217 6.43 9.41 23.26
CA GLY A 217 6.08 8.06 23.67
C GLY A 217 6.97 7.02 22.99
N LEU A 218 7.20 5.90 23.66
CA LEU A 218 7.81 4.72 23.03
C LEU A 218 6.93 3.51 23.32
N GLN A 219 6.79 2.65 22.34
CA GLN A 219 5.91 1.49 22.49
C GLN A 219 6.58 0.23 22.01
N CYS A 220 6.08 -0.91 22.50
CA CYS A 220 6.54 -2.22 22.05
C CYS A 220 8.02 -2.42 22.25
N LEU A 221 8.55 -1.90 23.36
CA LEU A 221 9.95 -2.12 23.70
C LEU A 221 10.22 -3.55 24.16
N ALA A 222 11.42 -4.05 23.87
CA ALA A 222 11.79 -5.39 24.30
C ALA A 222 13.00 -5.32 25.23
N ASN A 223 13.20 -6.41 25.98
CA ASN A 223 14.38 -6.58 26.81
C ASN A 223 14.55 -5.57 27.93
N LEU A 224 13.46 -5.01 28.45
CA LEU A 224 13.61 -4.07 29.55
C LEU A 224 14.18 -4.77 30.79
N ASP A 225 13.99 -6.08 30.88
CA ASP A 225 14.50 -6.82 32.04
C ASP A 225 16.03 -6.89 32.01
N GLN A 226 16.66 -6.38 30.95
CA GLN A 226 18.12 -6.39 30.89
C GLN A 226 18.73 -5.07 31.32
N LEU A 227 17.87 -4.13 31.69
CA LEU A 227 18.33 -2.80 32.07
C LEU A 227 18.32 -2.60 33.58
N PRO A 228 19.26 -1.78 34.07
CA PRO A 228 19.28 -1.32 35.47
C PRO A 228 18.18 -0.30 35.68
N ALA A 229 17.73 -0.14 36.92
CA ALA A 229 16.69 0.85 37.25
C ALA A 229 17.13 2.28 36.91
N THR A 230 18.39 2.58 37.20
CA THR A 230 19.00 3.88 36.92
C THR A 230 20.38 3.68 36.29
N GLY A 231 20.90 4.72 35.65
CA GLY A 231 22.27 4.73 35.18
C GLY A 231 22.46 4.49 33.69
N ALA A 232 21.43 3.99 33.02
CA ALA A 232 21.52 3.73 31.58
C ALA A 232 21.21 4.96 30.74
N VAL A 233 21.67 4.95 29.50
CA VAL A 233 21.38 6.01 28.52
C VAL A 233 20.58 5.44 27.36
N LEU A 234 19.44 6.07 27.06
CA LEU A 234 18.56 5.58 26.03
C LEU A 234 18.90 6.29 24.71
N ILE A 235 18.90 5.53 23.62
CA ILE A 235 19.01 6.09 22.27
C ILE A 235 17.72 5.78 21.51
N ALA A 236 16.96 6.83 21.21
CA ALA A 236 15.68 6.65 20.55
C ALA A 236 15.51 7.75 19.50
N ALA A 237 16.10 7.51 18.34
CA ALA A 237 16.07 8.46 17.23
C ALA A 237 15.13 8.00 16.12
N PRO A 238 13.96 8.66 15.99
CA PRO A 238 12.96 8.27 15.01
C PRO A 238 13.36 8.71 13.59
N LEU A 239 12.77 8.07 12.58
CA LEU A 239 12.94 8.48 11.18
C LEU A 239 12.53 9.94 10.98
N LYS A 240 13.23 10.65 10.09
CA LYS A 240 12.97 12.07 9.87
C LYS A 240 11.84 12.23 8.84
N ILE A 241 10.66 11.73 9.18
CA ILE A 241 9.50 11.77 8.31
C ILE A 241 8.92 13.18 8.26
N LYS A 242 8.76 13.72 7.05
CA LYS A 242 8.15 15.05 6.86
C LYS A 242 6.78 15.10 7.53
N ASN A 243 6.60 16.02 8.47
CA ASN A 243 5.34 16.15 9.23
C ASN A 243 4.88 14.85 9.90
N GLY A 244 5.84 13.99 10.21
CA GLY A 244 5.53 12.69 10.78
C GLY A 244 5.05 12.72 12.22
N THR A 245 4.12 11.82 12.57
CA THR A 245 3.59 11.76 13.93
C THR A 245 4.33 10.75 14.79
N GLY A 246 5.28 10.06 14.18
CA GLY A 246 6.06 9.01 14.83
C GLY A 246 6.78 8.18 13.80
N SER A 247 7.47 7.11 14.21
CA SER A 247 8.05 6.20 13.26
C SER A 247 8.54 4.94 13.97
N PRO A 248 8.59 3.82 13.25
CA PRO A 248 9.34 2.69 13.81
C PRO A 248 10.78 3.12 13.98
N LEU A 249 11.51 2.53 14.91
CA LEU A 249 12.92 2.91 15.10
C LEU A 249 13.65 1.81 15.83
N ARG A 250 14.97 1.87 15.79
CA ARG A 250 15.81 0.96 16.57
C ARG A 250 16.13 1.61 17.92
N VAL A 251 15.45 1.18 18.97
CA VAL A 251 15.71 1.72 20.29
C VAL A 251 16.83 0.94 20.97
N LEU A 252 17.82 1.66 21.49
CA LEU A 252 18.95 1.04 22.17
C LEU A 252 19.15 1.61 23.55
N ALA A 253 19.75 0.84 24.44
CA ALA A 253 20.21 1.41 25.69
C ALA A 253 21.68 1.07 25.88
N MET A 254 22.46 2.06 26.29
CA MET A 254 23.86 1.83 26.67
C MET A 254 23.88 1.65 28.18
N VAL A 255 24.56 0.60 28.65
CA VAL A 255 24.56 0.30 30.08
C VAL A 255 25.99 0.07 30.56
N THR A 256 26.31 0.48 31.80
CA THR A 256 27.65 0.28 32.35
C THR A 256 27.75 -1.08 33.01
N SER B 2 31.00 7.46 35.83
CA SER B 2 31.15 6.59 34.67
C SER B 2 31.04 7.40 33.40
N SER B 3 31.36 6.76 32.28
CA SER B 3 31.33 7.46 31.00
C SER B 3 29.88 7.80 30.61
N LEU B 4 28.92 6.98 31.02
CA LEU B 4 27.52 7.27 30.72
C LEU B 4 26.97 8.44 31.55
N ASN B 5 27.36 8.54 32.82
CA ASN B 5 26.91 9.67 33.65
C ASN B 5 27.46 11.00 33.14
N GLN B 6 28.71 10.99 32.68
CA GLN B 6 29.37 12.18 32.15
C GLN B 6 28.83 12.57 30.76
N LEU B 7 28.42 11.57 29.96
CA LEU B 7 27.74 11.84 28.69
C LEU B 7 26.41 12.54 28.98
N VAL B 8 25.69 12.06 29.99
CA VAL B 8 24.41 12.67 30.36
C VAL B 8 24.62 14.12 30.80
N SER B 9 25.64 14.34 31.61
CA SER B 9 25.94 15.68 32.08
C SER B 9 26.36 16.59 30.93
N GLY B 10 27.14 16.06 30.01
CA GLY B 10 27.59 16.84 28.87
C GLY B 10 26.45 17.23 27.94
N LEU B 11 25.56 16.28 27.68
CA LEU B 11 24.39 16.54 26.84
C LEU B 11 23.49 17.59 27.50
N ALA B 12 23.39 17.54 28.84
CA ALA B 12 22.54 18.46 29.58
C ALA B 12 23.08 19.89 29.55
N SER B 13 24.40 20.02 29.65
CA SER B 13 25.03 21.34 29.73
C SER B 13 25.36 21.95 28.37
N GLY B 14 25.37 21.13 27.33
CA GLY B 14 25.71 21.57 26.00
C GLY B 14 27.17 21.36 25.64
N ALA B 15 27.93 20.79 26.57
CA ALA B 15 29.35 20.45 26.31
C ALA B 15 29.45 19.37 25.23
N VAL B 16 28.44 18.53 25.15
CA VAL B 16 28.27 17.57 24.07
C VAL B 16 27.03 17.94 23.26
N ARG B 17 27.22 18.14 21.97
CA ARG B 17 26.14 18.51 21.07
C ARG B 17 25.80 17.32 20.16
N ILE B 18 24.54 17.25 19.73
CA ILE B 18 24.17 16.22 18.76
C ILE B 18 23.81 16.82 17.41
N VAL B 19 24.51 16.37 16.38
CA VAL B 19 24.28 16.82 15.01
C VAL B 19 23.46 15.78 14.26
N ASP B 20 22.36 16.22 13.63
CA ASP B 20 21.51 15.34 12.84
C ASP B 20 22.08 15.22 11.42
N LEU B 21 22.46 14.02 11.01
CA LEU B 21 23.07 13.79 9.69
C LEU B 21 22.06 13.23 8.68
N THR B 22 20.77 13.49 8.92
CA THR B 22 19.70 12.86 8.17
C THR B 22 18.90 13.84 7.30
N HIS B 23 18.64 13.46 6.06
CA HIS B 23 17.70 14.21 5.21
C HIS B 23 16.28 13.86 5.58
N THR B 24 15.37 14.82 5.46
CA THR B 24 13.97 14.53 5.65
C THR B 24 13.45 13.55 4.59
N LEU B 25 12.70 12.54 5.04
CA LEU B 25 11.95 11.67 4.13
C LEU B 25 10.75 12.40 3.57
N ASP B 26 10.71 12.56 2.25
CA ASP B 26 9.53 13.12 1.61
C ASP B 26 9.56 12.66 0.14
N PRO B 27 8.40 12.68 -0.53
CA PRO B 27 8.25 12.18 -1.90
C PRO B 27 9.22 12.77 -2.93
N ASP B 28 9.77 13.94 -2.67
CA ASP B 28 10.57 14.62 -3.69
C ASP B 28 12.06 14.25 -3.63
N PHE B 29 12.48 13.66 -2.52
CA PHE B 29 13.89 13.34 -2.37
C PHE B 29 14.31 12.19 -3.30
N PRO B 30 15.38 12.40 -4.09
CA PRO B 30 15.82 11.44 -5.11
C PRO B 30 16.29 10.11 -4.54
N VAL B 31 16.06 9.03 -5.28
CA VAL B 31 16.62 7.73 -4.92
C VAL B 31 17.49 7.28 -6.08
N ILE B 32 18.32 6.27 -5.84
CA ILE B 32 19.23 5.80 -6.87
C ILE B 32 18.46 5.31 -8.10
N VAL B 33 18.98 5.63 -9.28
CA VAL B 33 18.38 5.20 -10.53
C VAL B 33 19.27 4.19 -11.24
N LEU B 34 18.69 3.04 -11.58
CA LEU B 34 19.43 1.98 -12.25
C LEU B 34 18.98 1.85 -13.70
N PRO B 35 19.74 1.11 -14.53
CA PRO B 35 19.24 0.79 -15.87
C PRO B 35 17.82 0.23 -15.83
N PRO B 36 16.97 0.65 -16.78
CA PRO B 36 15.53 0.40 -16.79
C PRO B 36 15.14 -1.09 -16.78
N GLU B 37 16.05 -1.98 -17.19
CA GLU B 37 15.75 -3.40 -17.17
C GLU B 37 15.72 -3.99 -15.75
N PHE B 38 16.30 -3.26 -14.79
CA PHE B 38 16.36 -3.73 -13.41
C PHE B 38 15.19 -3.20 -12.59
N GLY B 39 14.87 -3.89 -11.50
CA GLY B 39 13.91 -3.37 -10.53
C GLY B 39 14.47 -2.12 -9.88
N GLN B 40 13.60 -1.14 -9.63
CA GLN B 40 14.06 0.17 -9.16
C GLN B 40 13.70 0.45 -7.71
N CYS B 41 14.56 1.20 -7.05
CA CYS B 41 14.30 1.72 -5.71
C CYS B 41 13.10 2.66 -5.73
N ALA B 42 12.25 2.57 -4.71
CA ALA B 42 11.05 3.40 -4.65
C ALA B 42 11.31 4.69 -3.88
N ARG B 43 10.54 5.74 -4.19
CA ARG B 43 10.59 6.96 -3.42
C ARG B 43 9.74 6.82 -2.16
N PHE B 44 9.97 7.70 -1.20
CA PHE B 44 9.17 7.74 0.01
C PHE B 44 7.77 8.23 -0.30
N ARG B 45 6.75 7.57 0.26
CA ARG B 45 5.36 8.01 0.11
C ARG B 45 4.67 7.92 1.46
N MET B 46 3.70 8.77 1.70
CA MET B 46 2.94 8.66 2.93
C MET B 46 1.49 9.08 2.72
N GLU B 47 0.60 8.44 3.47
CA GLU B 47 -0.81 8.75 3.35
C GLU B 47 -1.45 8.77 4.73
N GLU B 48 -2.38 9.71 4.96
CA GLU B 48 -3.10 9.82 6.24
C GLU B 48 -4.02 8.64 6.50
N ILE B 49 -3.97 8.12 7.72
CA ILE B 49 -4.98 7.21 8.25
C ILE B 49 -6.11 8.06 8.82
N SER B 50 -5.71 9.07 9.58
CA SER B 50 -6.62 10.08 10.11
C SER B 50 -5.83 11.32 10.45
N ALA B 51 -6.53 12.45 10.58
CA ALA B 51 -5.93 13.71 10.99
C ALA B 51 -6.91 14.49 11.87
N TYR B 52 -7.15 13.97 13.06
CA TYR B 52 -8.09 14.56 14.00
C TYR B 52 -9.45 14.74 13.30
N ASP B 53 -9.92 13.68 12.64
CA ASP B 53 -11.19 13.75 11.90
C ASP B 53 -12.06 12.51 12.16
N HIS B 54 -13.10 12.31 11.36
CA HIS B 54 -14.04 11.20 11.56
C HIS B 54 -13.36 9.82 11.45
N ARG B 55 -12.19 9.78 10.79
CA ARG B 55 -11.40 8.56 10.69
C ARG B 55 -10.58 8.30 11.96
N GLY B 56 -10.52 9.30 12.84
CA GLY B 56 -9.73 9.23 14.07
C GLY B 56 -9.75 10.58 14.79
N PRO B 57 -10.79 10.82 15.59
CA PRO B 57 -11.10 12.20 16.03
C PRO B 57 -10.01 12.91 16.83
N ALA B 58 -9.20 12.20 17.62
CA ALA B 58 -8.29 12.85 18.55
C ALA B 58 -6.84 12.60 18.18
N TRP B 59 -6.62 12.02 17.01
CA TRP B 59 -5.25 11.66 16.64
C TRP B 59 -4.97 11.78 15.15
N LYS B 60 -3.69 11.81 14.85
CA LYS B 60 -3.20 11.92 13.49
C LYS B 60 -2.05 10.92 13.37
N TRP B 61 -2.02 10.22 12.24
CA TRP B 61 -0.98 9.24 11.90
C TRP B 61 -1.09 8.86 10.42
N HIS B 62 0.00 8.31 9.90
CA HIS B 62 0.17 7.99 8.48
C HIS B 62 0.59 6.54 8.21
N ASN B 63 0.21 6.05 7.04
CA ASN B 63 0.87 4.91 6.44
C ASN B 63 2.04 5.39 5.60
N ILE B 64 3.13 4.63 5.58
CA ILE B 64 4.29 5.03 4.81
C ILE B 64 4.79 3.88 3.95
N SER B 65 5.38 4.19 2.81
CA SER B 65 5.96 3.18 1.94
C SER B 65 7.26 3.76 1.38
N MET B 66 8.23 2.88 1.16
CA MET B 66 9.54 3.25 0.64
C MET B 66 10.27 1.96 0.29
N SER B 67 11.54 2.06 -0.04
CA SER B 67 12.37 0.87 -0.15
C SER B 67 13.36 0.87 1.02
N GLU B 68 14.02 -0.26 1.23
CA GLU B 68 15.08 -0.32 2.23
C GLU B 68 16.17 0.71 1.99
N HIS B 69 16.37 1.10 0.72
CA HIS B 69 17.49 1.98 0.37
C HIS B 69 17.04 3.38 -0.07
N THR B 70 16.01 3.88 0.61
CA THR B 70 15.49 5.22 0.36
C THR B 70 16.05 6.26 1.31
N GLY B 71 16.48 7.39 0.77
CA GLY B 71 16.92 8.51 1.59
C GLY B 71 18.19 8.21 2.38
N THR B 72 18.37 8.93 3.48
CA THR B 72 19.45 8.61 4.41
C THR B 72 19.24 7.18 4.90
N HIS B 73 20.14 6.27 4.52
CA HIS B 73 19.96 4.87 4.88
C HIS B 73 21.26 4.09 5.06
N PHE B 74 21.09 2.88 5.60
CA PHE B 74 22.14 1.97 6.04
C PHE B 74 22.12 0.76 5.11
N ASP B 75 23.28 0.30 4.64
CA ASP B 75 23.33 -0.91 3.82
C ASP B 75 23.98 -2.06 4.60
N ALA B 76 23.27 -3.18 4.69
CA ALA B 76 23.79 -4.37 5.34
C ALA B 76 24.49 -5.26 4.29
N PRO B 77 25.37 -6.17 4.74
CA PRO B 77 26.10 -7.01 3.76
C PRO B 77 25.21 -7.83 2.81
N SER B 78 24.04 -8.27 3.24
CA SER B 78 23.20 -9.08 2.36
C SER B 78 22.71 -8.26 1.16
N HIS B 79 22.90 -6.96 1.20
CA HIS B 79 22.50 -6.12 0.05
C HIS B 79 23.25 -6.53 -1.23
N TRP B 80 24.48 -7.01 -1.06
CA TRP B 80 25.31 -7.37 -2.22
C TRP B 80 25.57 -8.87 -2.34
N ILE B 81 25.77 -9.34 -3.56
CA ILE B 81 25.99 -10.75 -3.83
C ILE B 81 27.20 -11.29 -3.08
N SER B 82 28.19 -10.42 -2.87
CA SER B 82 29.44 -10.76 -2.18
C SER B 82 29.22 -10.98 -0.67
N GLY B 83 28.11 -10.48 -0.15
CA GLY B 83 27.83 -10.62 1.27
C GLY B 83 26.76 -11.66 1.51
N LYS B 84 26.52 -12.48 0.48
CA LYS B 84 25.47 -13.48 0.49
C LYS B 84 25.64 -14.50 1.62
N ASP B 85 26.88 -14.85 1.94
CA ASP B 85 27.15 -15.91 2.90
C ASP B 85 27.87 -15.45 4.16
N VAL B 86 28.05 -14.15 4.31
CA VAL B 86 28.71 -13.63 5.50
C VAL B 86 27.77 -13.75 6.71
N PRO B 87 28.34 -13.98 7.90
CA PRO B 87 27.50 -14.05 9.10
C PRO B 87 26.83 -12.72 9.47
N ASN B 88 25.61 -12.80 10.03
CA ASN B 88 24.90 -11.59 10.45
C ASN B 88 24.77 -10.57 9.36
N GLY B 89 24.40 -11.03 8.17
CA GLY B 89 24.41 -10.18 6.99
C GLY B 89 23.21 -9.28 6.79
N SER B 90 22.12 -9.50 7.54
CA SER B 90 20.93 -8.64 7.42
C SER B 90 20.79 -7.65 8.60
N VAL B 91 20.03 -6.56 8.43
CA VAL B 91 20.00 -5.51 9.47
C VAL B 91 19.48 -5.99 10.83
N ASP B 92 18.69 -7.06 10.84
CA ASP B 92 18.14 -7.54 12.10
C ASP B 92 19.12 -8.45 12.83
N GLU B 93 20.23 -8.78 12.17
CA GLU B 93 21.20 -9.73 12.74
C GLU B 93 22.52 -9.09 13.17
N ILE B 94 22.79 -7.90 12.66
CA ILE B 94 24.00 -7.17 13.00
C ILE B 94 24.06 -6.89 14.51
N PRO B 95 25.18 -7.25 15.16
CA PRO B 95 25.36 -6.98 16.60
C PRO B 95 25.17 -5.50 16.91
N ALA B 96 24.43 -5.21 17.97
CA ALA B 96 24.05 -3.85 18.33
C ALA B 96 25.23 -2.93 18.64
N GLU B 97 26.36 -3.48 19.10
CA GLU B 97 27.49 -2.62 19.40
C GLU B 97 28.02 -1.92 18.14
N ALA B 98 27.66 -2.43 16.97
CA ALA B 98 28.04 -1.81 15.70
C ALA B 98 27.34 -0.48 15.41
N PHE B 99 26.29 -0.17 16.17
CA PHE B 99 25.41 0.96 15.84
C PHE B 99 25.86 2.26 16.51
N VAL B 100 26.77 2.15 17.45
CA VAL B 100 27.34 3.32 18.11
C VAL B 100 28.85 3.17 18.15
N GLY B 101 29.57 4.16 17.66
CA GLY B 101 31.02 4.08 17.64
C GLY B 101 31.74 5.31 17.11
N PRO B 102 33.08 5.27 17.16
CA PRO B 102 33.93 6.37 16.70
C PRO B 102 33.78 6.56 15.18
N VAL B 103 33.89 7.80 14.75
CA VAL B 103 33.78 8.14 13.34
C VAL B 103 34.87 9.13 12.97
N VAL B 104 35.44 8.95 11.79
CA VAL B 104 36.36 9.94 11.25
C VAL B 104 35.78 10.51 9.95
N VAL B 105 36.08 11.78 9.70
CA VAL B 105 35.56 12.46 8.53
C VAL B 105 36.71 12.97 7.68
N ILE B 106 36.77 12.48 6.45
CA ILE B 106 37.78 12.93 5.49
C ILE B 106 37.14 13.99 4.57
N ASP B 107 37.64 15.23 4.64
CA ASP B 107 37.05 16.34 3.90
C ASP B 107 37.51 16.33 2.45
N CYS B 108 36.62 15.89 1.56
CA CYS B 108 36.90 15.89 0.13
C CYS B 108 36.02 16.89 -0.59
N SER B 109 35.55 17.90 0.13
CA SER B 109 34.57 18.85 -0.42
C SER B 109 35.18 19.74 -1.51
N LYS B 110 36.43 20.18 -1.32
CA LYS B 110 37.08 20.98 -2.36
C LYS B 110 37.26 20.17 -3.65
N GLY B 111 37.64 18.90 -3.50
CA GLY B 111 37.77 18.01 -4.65
C GLY B 111 36.46 17.79 -5.39
N ALA B 112 35.37 17.57 -4.64
CA ALA B 112 34.07 17.35 -5.26
C ALA B 112 33.58 18.59 -5.99
N ALA B 113 33.93 19.77 -5.49
CA ALA B 113 33.51 21.03 -6.11
C ALA B 113 34.19 21.21 -7.46
N GLU B 114 35.34 20.59 -7.63
CA GLU B 114 36.08 20.77 -8.88
C GLU B 114 35.88 19.64 -9.88
N ASN B 115 35.43 18.50 -9.38
CA ASN B 115 35.28 17.28 -10.17
C ASN B 115 34.13 16.43 -9.68
N ASP B 116 33.10 16.29 -10.54
CA ASP B 116 31.90 15.52 -10.18
C ASP B 116 32.24 14.07 -9.82
N ASP B 117 33.27 13.53 -10.47
CA ASP B 117 33.67 12.15 -10.26
C ASP B 117 34.86 12.04 -9.33
N PHE B 118 34.98 12.96 -8.37
CA PHE B 118 36.16 13.01 -7.52
C PHE B 118 36.37 11.70 -6.77
N GLU B 119 37.61 11.22 -6.73
CA GLU B 119 37.94 9.92 -6.14
C GLU B 119 38.67 10.02 -4.82
N LEU B 120 38.14 9.33 -3.81
CA LEU B 120 38.88 9.06 -2.58
C LEU B 120 39.90 7.96 -2.84
N THR B 121 41.17 8.24 -2.61
CA THR B 121 42.25 7.31 -2.92
C THR B 121 43.03 6.90 -1.67
N PRO B 122 43.81 5.81 -1.77
CA PRO B 122 44.78 5.48 -0.71
C PRO B 122 45.71 6.65 -0.36
N GLU B 123 46.20 7.37 -1.37
CA GLU B 123 47.06 8.54 -1.11
C GLU B 123 46.40 9.60 -0.24
N ILE B 124 45.13 9.88 -0.51
CA ILE B 124 44.39 10.86 0.27
C ILE B 124 44.25 10.36 1.72
N ILE B 125 43.98 9.07 1.87
CA ILE B 125 43.85 8.50 3.21
C ILE B 125 45.16 8.61 3.98
N ALA B 126 46.28 8.31 3.32
CA ALA B 126 47.58 8.41 3.96
C ALA B 126 47.87 9.84 4.38
N GLY B 127 47.51 10.80 3.54
CA GLY B 127 47.72 12.20 3.87
C GLY B 127 46.89 12.61 5.06
N TRP B 128 45.63 12.16 5.08
CA TRP B 128 44.72 12.43 6.18
C TRP B 128 45.26 11.83 7.50
N GLU B 129 45.74 10.59 7.43
CA GLU B 129 46.25 9.92 8.63
C GLU B 129 47.52 10.59 9.15
N SER B 130 48.35 11.12 8.25
CA SER B 130 49.57 11.77 8.70
C SER B 130 49.22 13.02 9.52
N GLU B 131 48.05 13.60 9.24
CA GLU B 131 47.63 14.80 9.95
C GLU B 131 46.75 14.50 11.17
N HIS B 132 45.86 13.52 11.05
CA HIS B 132 44.85 13.28 12.08
C HIS B 132 45.07 11.98 12.84
N GLY B 133 46.17 11.28 12.54
CA GLY B 133 46.46 10.00 13.16
C GLY B 133 45.82 8.83 12.43
N ARG B 134 46.33 7.64 12.73
CA ARG B 134 45.82 6.42 12.11
C ARG B 134 44.33 6.25 12.41
N ILE B 135 43.59 5.80 11.40
CA ILE B 135 42.18 5.49 11.58
C ILE B 135 42.06 4.37 12.60
N PRO B 136 41.28 4.60 13.68
CA PRO B 136 41.19 3.53 14.68
C PRO B 136 40.44 2.31 14.12
N GLU B 137 40.80 1.13 14.61
CA GLU B 137 40.12 -0.08 14.18
C GLU B 137 38.62 0.05 14.48
N ASP B 138 37.79 -0.56 13.65
CA ASP B 138 36.33 -0.60 13.83
C ASP B 138 35.69 0.78 13.82
N ALA B 139 36.29 1.72 13.09
CA ALA B 139 35.72 3.06 13.00
C ALA B 139 34.82 3.17 11.78
N TRP B 140 33.83 4.04 11.88
CA TRP B 140 33.09 4.51 10.72
C TRP B 140 33.96 5.54 10.00
N VAL B 141 34.05 5.43 8.68
CA VAL B 141 34.76 6.41 7.89
C VAL B 141 33.77 7.11 6.97
N LEU B 142 33.70 8.43 7.09
CA LEU B 142 32.82 9.21 6.25
C LEU B 142 33.60 10.05 5.26
N MET B 143 33.21 9.96 3.99
CA MET B 143 33.75 10.81 2.93
C MET B 143 32.89 12.06 2.78
N ARG B 144 33.33 13.18 3.34
CA ARG B 144 32.62 14.45 3.19
C ARG B 144 32.85 15.06 1.81
N THR B 145 31.76 15.50 1.17
CA THR B 145 31.87 16.13 -0.15
C THR B 145 31.01 17.38 -0.28
N ASP B 146 30.17 17.60 0.73
CA ASP B 146 29.13 18.65 0.71
C ASP B 146 28.18 18.45 -0.46
N TRP B 147 28.06 17.22 -0.93
CA TRP B 147 27.17 16.88 -2.03
C TRP B 147 25.72 17.07 -1.63
N SER B 148 25.48 17.01 -0.32
CA SER B 148 24.15 17.14 0.26
C SER B 148 23.57 18.54 0.01
N LYS B 149 24.42 19.46 -0.45
CA LYS B 149 24.00 20.81 -0.79
C LYS B 149 23.39 20.90 -2.20
N ARG B 150 23.68 19.92 -3.04
CA ARG B 150 23.11 19.85 -4.38
C ARG B 150 21.66 19.42 -4.33
N ARG B 151 20.80 20.17 -5.00
CA ARG B 151 19.39 19.81 -5.04
C ARG B 151 18.97 19.63 -6.49
N GLY B 152 17.74 19.18 -6.69
CA GLY B 152 17.24 18.98 -8.04
C GLY B 152 17.94 17.84 -8.74
N ALA B 153 18.06 17.96 -10.06
CA ALA B 153 18.68 16.91 -10.84
C ALA B 153 20.17 16.84 -10.58
N ASP B 154 20.72 17.89 -9.96
CA ASP B 154 22.15 17.99 -9.69
C ASP B 154 22.62 16.98 -8.65
N TYR B 155 21.69 16.46 -7.86
CA TYR B 155 22.06 15.54 -6.79
C TYR B 155 22.44 14.15 -7.31
N LEU B 156 21.58 13.54 -8.13
CA LEU B 156 21.92 12.29 -8.81
C LEU B 156 22.96 12.59 -9.88
N ASN B 157 22.78 13.75 -10.52
CA ASN B 157 23.67 14.25 -11.55
C ASN B 157 23.80 13.25 -12.72
N MET B 158 22.65 12.82 -13.25
CA MET B 158 22.60 11.88 -14.36
C MET B 158 22.99 12.57 -15.66
N ARG B 159 23.98 12.03 -16.37
CA ARG B 159 24.29 12.48 -17.72
C ARG B 159 24.03 11.33 -18.70
N ALA B 160 24.34 11.50 -19.99
CA ALA B 160 24.03 10.47 -20.97
C ALA B 160 24.80 9.16 -20.67
N ASP B 161 25.98 9.29 -20.07
CA ASP B 161 26.79 8.13 -19.78
C ASP B 161 26.69 7.73 -18.31
N GLY B 162 25.62 8.18 -17.66
CA GLY B 162 25.34 7.80 -16.28
C GLY B 162 25.49 8.88 -15.22
N PRO B 163 25.33 8.49 -13.95
CA PRO B 163 25.48 9.47 -12.88
C PRO B 163 26.97 9.81 -12.63
N HIS B 164 27.21 11.05 -12.25
CA HIS B 164 28.57 11.49 -11.94
C HIS B 164 28.58 12.12 -10.55
N SER B 165 29.13 11.39 -9.58
CA SER B 165 29.19 11.81 -8.20
C SER B 165 30.40 11.14 -7.55
N PRO B 166 31.02 11.81 -6.57
CA PRO B 166 32.28 11.33 -5.97
C PRO B 166 32.16 9.95 -5.33
N GLY B 167 33.29 9.32 -5.08
CA GLY B 167 33.27 8.04 -4.42
C GLY B 167 34.66 7.49 -4.23
N PRO B 168 34.78 6.35 -3.57
CA PRO B 168 36.08 5.71 -3.32
C PRO B 168 36.52 4.80 -4.46
N THR B 169 37.84 4.70 -4.66
CA THR B 169 38.40 3.72 -5.59
C THR B 169 38.42 2.34 -4.92
N PRO B 170 38.51 1.26 -5.72
CA PRO B 170 38.65 -0.08 -5.13
C PRO B 170 39.83 -0.16 -4.16
N GLU B 171 40.94 0.48 -4.52
CA GLU B 171 42.15 0.45 -3.70
C GLU B 171 41.94 1.17 -2.37
N ALA B 172 41.20 2.27 -2.39
CA ALA B 172 40.90 2.98 -1.15
C ALA B 172 40.05 2.12 -0.20
N ILE B 173 39.02 1.46 -0.74
CA ILE B 173 38.14 0.59 0.08
C ILE B 173 38.90 -0.65 0.58
N ARG B 174 39.66 -1.29 -0.30
CA ARG B 174 40.43 -2.47 0.09
C ARG B 174 41.42 -2.12 1.22
N PHE B 175 42.02 -0.93 1.12
CA PHE B 175 42.94 -0.44 2.16
C PHE B 175 42.22 -0.26 3.49
N LEU B 176 41.07 0.39 3.46
CA LEU B 176 40.31 0.63 4.68
C LEU B 176 39.89 -0.67 5.34
N ILE B 177 39.49 -1.64 4.53
CA ILE B 177 39.03 -2.92 5.07
C ILE B 177 40.18 -3.77 5.57
N GLU B 178 41.15 -4.04 4.71
CA GLU B 178 42.23 -4.98 4.99
C GLU B 178 43.30 -4.41 5.93
N GLU B 179 43.56 -3.11 5.86
CA GLU B 179 44.68 -2.54 6.60
C GLU B 179 44.21 -1.77 7.83
N ARG B 180 42.92 -1.44 7.91
CA ARG B 180 42.41 -0.65 9.02
C ARG B 180 41.20 -1.25 9.74
N ASN B 181 40.63 -2.31 9.16
CA ASN B 181 39.45 -3.00 9.71
C ASN B 181 38.39 -2.01 10.16
N ILE B 182 38.00 -1.14 9.25
CA ILE B 182 36.96 -0.18 9.54
C ILE B 182 35.63 -0.88 9.72
N ARG B 183 34.71 -0.22 10.42
CA ARG B 183 33.38 -0.78 10.60
C ARG B 183 32.49 -0.54 9.38
N GLY B 184 32.65 0.62 8.76
CA GLY B 184 31.80 0.99 7.65
C GLY B 184 32.23 2.30 7.00
N PHE B 185 31.61 2.59 5.86
CA PHE B 185 31.94 3.75 5.03
C PHE B 185 30.67 4.51 4.68
N GLY B 186 30.70 5.84 4.79
CA GLY B 186 29.52 6.67 4.57
C GLY B 186 29.77 7.83 3.60
N THR B 187 28.70 8.22 2.89
CA THR B 187 28.79 9.26 1.87
C THR B 187 27.60 10.23 1.94
N GLU B 188 27.73 11.39 1.29
CA GLU B 188 26.64 12.36 1.19
C GLU B 188 25.91 12.24 -0.14
N THR B 189 26.40 11.30 -0.96
CA THR B 189 25.83 10.98 -2.26
C THR B 189 24.78 9.89 -2.11
N VAL B 190 24.11 9.56 -3.21
CA VAL B 190 23.05 8.58 -3.18
C VAL B 190 23.60 7.17 -2.99
N GLY B 191 24.86 6.94 -3.34
CA GLY B 191 25.46 5.63 -3.17
C GLY B 191 26.79 5.63 -2.42
N THR B 192 27.19 4.48 -1.90
CA THR B 192 28.50 4.39 -1.28
C THR B 192 29.60 4.29 -2.33
N ASP B 193 29.20 3.98 -3.56
CA ASP B 193 30.14 3.99 -4.68
C ASP B 193 30.02 5.29 -5.46
N ALA B 194 31.08 5.63 -6.20
CA ALA B 194 31.01 6.75 -7.12
C ALA B 194 29.88 6.56 -8.13
N GLY B 195 29.40 7.66 -8.70
CA GLY B 195 28.35 7.57 -9.70
C GLY B 195 28.75 6.63 -10.83
N GLN B 196 30.02 6.68 -11.20
CA GLN B 196 30.55 5.86 -12.29
C GLN B 196 31.14 4.54 -11.80
N GLY B 197 30.80 4.17 -10.57
CA GLY B 197 31.38 3.02 -9.89
C GLY B 197 31.20 1.64 -10.50
N ALA B 198 30.27 1.51 -11.43
CA ALA B 198 30.05 0.24 -12.12
C ALA B 198 31.26 -0.14 -12.95
N HIS B 199 32.11 0.85 -13.20
CA HIS B 199 33.20 0.68 -14.14
C HIS B 199 34.55 0.44 -13.47
N TYR B 200 34.54 0.35 -12.15
CA TYR B 200 35.76 -0.04 -11.43
C TYR B 200 35.91 -1.55 -11.50
N VAL B 201 37.07 -2.04 -11.07
CA VAL B 201 37.29 -3.47 -10.92
C VAL B 201 37.65 -3.77 -9.47
N PRO B 202 36.75 -4.46 -8.75
CA PRO B 202 35.46 -4.98 -9.22
C PRO B 202 34.37 -3.91 -9.33
N PRO B 203 33.31 -4.17 -10.12
CA PRO B 203 32.16 -3.25 -10.26
C PRO B 203 31.54 -2.95 -8.89
N TYR B 204 31.21 -1.69 -8.64
CA TYR B 204 30.72 -1.23 -7.33
C TYR B 204 31.60 -1.72 -6.19
N PRO B 205 32.87 -1.28 -6.17
CA PRO B 205 33.83 -1.84 -5.21
C PRO B 205 33.46 -1.60 -3.75
N ALA B 206 32.88 -0.44 -3.44
CA ALA B 206 32.45 -0.19 -2.07
C ALA B 206 31.45 -1.26 -1.65
N HIS B 207 30.42 -1.49 -2.47
CA HIS B 207 29.46 -2.54 -2.15
C HIS B 207 30.11 -3.93 -2.14
N TYR B 208 30.82 -4.26 -3.23
CA TYR B 208 31.42 -5.59 -3.34
C TYR B 208 32.38 -5.89 -2.19
N LEU B 209 33.31 -4.98 -1.92
CA LEU B 209 34.35 -5.23 -0.92
C LEU B 209 33.82 -5.06 0.52
N LEU B 210 33.10 -3.97 0.79
CA LEU B 210 32.57 -3.74 2.14
C LEU B 210 31.65 -4.88 2.56
N HIS B 211 30.68 -5.23 1.71
CA HIS B 211 29.69 -6.23 2.09
C HIS B 211 30.26 -7.65 2.06
N GLY B 212 31.25 -7.87 1.18
CA GLY B 212 31.96 -9.13 1.17
C GLY B 212 32.75 -9.32 2.46
N ALA B 213 33.11 -8.22 3.11
CA ALA B 213 33.85 -8.30 4.37
C ALA B 213 32.92 -8.16 5.58
N GLY B 214 31.62 -8.12 5.34
CA GLY B 214 30.68 -7.99 6.44
C GLY B 214 30.66 -6.60 7.03
N LYS B 215 31.01 -5.60 6.22
CA LYS B 215 31.05 -4.22 6.64
C LYS B 215 29.81 -3.46 6.15
N TYR B 216 29.61 -2.25 6.65
CA TYR B 216 28.37 -1.55 6.41
C TYR B 216 28.51 -0.29 5.57
N GLY B 217 27.40 0.16 4.99
CA GLY B 217 27.42 1.42 4.26
C GLY B 217 26.38 2.41 4.76
N LEU B 218 26.69 3.71 4.64
CA LEU B 218 25.70 4.77 4.85
C LEU B 218 25.70 5.69 3.65
N GLN B 219 24.51 6.13 3.23
CA GLN B 219 24.38 6.99 2.05
C GLN B 219 23.43 8.15 2.34
N CYS B 220 23.51 9.19 1.54
CA CYS B 220 22.61 10.34 1.64
C CYS B 220 22.66 11.01 3.01
N LEU B 221 23.87 11.08 3.56
CA LEU B 221 24.15 11.79 4.81
C LEU B 221 24.14 13.29 4.58
N ALA B 222 23.72 14.03 5.59
CA ALA B 222 23.67 15.48 5.55
C ALA B 222 24.57 16.04 6.63
N ASN B 223 24.92 17.32 6.47
CA ASN B 223 25.59 18.10 7.51
C ASN B 223 26.95 17.59 7.95
N LEU B 224 27.67 16.91 7.06
CA LEU B 224 28.99 16.43 7.42
C LEU B 224 29.96 17.58 7.69
N ASP B 225 29.67 18.75 7.11
CA ASP B 225 30.53 19.92 7.30
C ASP B 225 30.46 20.46 8.74
N GLN B 226 29.60 19.87 9.56
CA GLN B 226 29.52 20.28 10.97
C GLN B 226 30.32 19.37 11.88
N LEU B 227 30.98 18.37 11.32
CA LEU B 227 31.70 17.38 12.12
C LEU B 227 33.21 17.61 12.12
N PRO B 228 33.87 17.26 13.23
CA PRO B 228 35.33 17.25 13.32
C PRO B 228 35.93 16.04 12.58
N ALA B 229 37.19 16.15 12.16
CA ALA B 229 37.86 15.02 11.52
C ALA B 229 37.88 13.79 12.42
N THR B 230 38.15 14.02 13.70
CA THR B 230 38.19 12.94 14.69
C THR B 230 37.47 13.33 15.96
N GLY B 231 37.07 12.35 16.77
CA GLY B 231 36.55 12.63 18.10
C GLY B 231 35.04 12.56 18.23
N ALA B 232 34.32 12.56 17.11
CA ALA B 232 32.86 12.45 17.19
C ALA B 232 32.44 10.97 17.32
N VAL B 233 31.23 10.77 17.83
CA VAL B 233 30.66 9.44 17.93
C VAL B 233 29.42 9.32 17.06
N LEU B 234 29.41 8.31 16.18
CA LEU B 234 28.31 8.15 15.25
C LEU B 234 27.25 7.20 15.84
N ILE B 235 26.00 7.58 15.69
CA ILE B 235 24.88 6.72 16.04
C ILE B 235 24.17 6.38 14.74
N ALA B 236 24.21 5.10 14.38
CA ALA B 236 23.58 4.65 13.14
C ALA B 236 22.94 3.28 13.36
N ALA B 237 21.73 3.29 13.92
CA ALA B 237 21.00 2.07 14.23
C ALA B 237 19.87 1.83 13.24
N PRO B 238 20.04 0.86 12.33
CA PRO B 238 19.00 0.62 11.33
C PRO B 238 17.77 -0.07 11.91
N LEU B 239 16.64 0.08 11.21
CA LEU B 239 15.41 -0.62 11.58
C LEU B 239 15.64 -2.12 11.64
N LYS B 240 14.99 -2.78 12.59
CA LYS B 240 15.21 -4.21 12.75
C LYS B 240 14.34 -5.01 11.79
N ILE B 241 14.50 -4.78 10.49
CA ILE B 241 13.70 -5.45 9.46
C ILE B 241 14.11 -6.92 9.31
N LYS B 242 13.13 -7.83 9.41
CA LYS B 242 13.40 -9.26 9.26
C LYS B 242 14.06 -9.54 7.91
N ASN B 243 15.26 -10.11 7.94
CA ASN B 243 16.03 -10.38 6.72
C ASN B 243 16.28 -9.14 5.86
N GLY B 244 16.29 -7.96 6.46
CA GLY B 244 16.44 -6.73 5.69
C GLY B 244 17.85 -6.52 5.17
N THR B 245 17.96 -5.96 3.96
CA THR B 245 19.28 -5.72 3.36
C THR B 245 19.77 -4.32 3.72
N GLY B 246 18.93 -3.59 4.44
CA GLY B 246 19.27 -2.24 4.84
C GLY B 246 17.99 -1.55 5.28
N SER B 247 18.08 -0.27 5.63
CA SER B 247 16.88 0.52 5.96
C SER B 247 17.18 1.99 6.09
N PRO B 248 16.17 2.85 5.84
CA PRO B 248 16.33 4.24 6.24
C PRO B 248 16.55 4.32 7.74
N LEU B 249 17.24 5.35 8.21
CA LEU B 249 17.46 5.47 9.64
C LEU B 249 17.78 6.90 9.97
N ARG B 250 17.68 7.24 11.25
CA ARG B 250 18.10 8.54 11.74
C ARG B 250 19.57 8.47 12.18
N VAL B 251 20.45 9.01 11.35
CA VAL B 251 21.87 9.03 11.67
C VAL B 251 22.23 10.29 12.43
N LEU B 252 22.90 10.11 13.56
CA LEU B 252 23.30 11.23 14.42
C LEU B 252 24.79 11.21 14.72
N ALA B 253 25.35 12.38 15.01
CA ALA B 253 26.71 12.41 15.51
C ALA B 253 26.77 13.22 16.79
N MET B 254 27.41 12.66 17.81
CA MET B 254 27.66 13.43 19.02
C MET B 254 29.04 14.05 18.93
N VAL B 255 29.13 15.35 19.23
CA VAL B 255 30.39 16.09 19.09
C VAL B 255 30.68 16.95 20.32
N THR B 256 31.96 17.10 20.65
CA THR B 256 32.37 17.96 21.76
C THR B 256 32.58 19.40 21.26
N SER C 2 -40.40 -12.08 -22.26
CA SER C 2 -39.93 -10.81 -22.81
C SER C 2 -38.57 -10.95 -23.49
N SER C 3 -37.88 -9.85 -23.71
CA SER C 3 -36.57 -9.92 -24.35
C SER C 3 -35.51 -10.47 -23.38
N LEU C 4 -35.66 -10.18 -22.10
CA LEU C 4 -34.73 -10.66 -21.08
C LEU C 4 -34.87 -12.16 -20.88
N ASN C 5 -36.11 -12.65 -20.96
CA ASN C 5 -36.38 -14.08 -20.86
C ASN C 5 -35.72 -14.84 -22.01
N GLN C 6 -35.74 -14.24 -23.20
CA GLN C 6 -35.12 -14.85 -24.37
C GLN C 6 -33.60 -14.81 -24.26
N LEU C 7 -33.07 -13.74 -23.67
CA LEU C 7 -31.65 -13.63 -23.42
C LEU C 7 -31.17 -14.71 -22.46
N VAL C 8 -31.94 -14.93 -21.40
CA VAL C 8 -31.60 -15.99 -20.44
C VAL C 8 -31.65 -17.34 -21.14
N SER C 9 -32.71 -17.56 -21.91
CA SER C 9 -32.87 -18.82 -22.61
C SER C 9 -31.76 -19.03 -23.64
N GLY C 10 -31.37 -17.96 -24.32
CA GLY C 10 -30.28 -18.03 -25.28
C GLY C 10 -28.93 -18.31 -24.65
N LEU C 11 -28.65 -17.67 -23.53
CA LEU C 11 -27.41 -17.89 -22.80
C LEU C 11 -27.29 -19.33 -22.31
N ALA C 12 -28.41 -19.89 -21.87
CA ALA C 12 -28.42 -21.25 -21.35
C ALA C 12 -28.19 -22.29 -22.44
N SER C 13 -28.80 -22.07 -23.61
CA SER C 13 -28.74 -23.06 -24.70
C SER C 13 -27.49 -22.88 -25.57
N GLY C 14 -26.83 -21.73 -25.44
CA GLY C 14 -25.64 -21.46 -26.22
C GLY C 14 -25.91 -20.66 -27.48
N ALA C 15 -27.17 -20.32 -27.72
CA ALA C 15 -27.54 -19.50 -28.86
C ALA C 15 -26.93 -18.10 -28.73
N VAL C 16 -26.72 -17.68 -27.48
CA VAL C 16 -25.95 -16.49 -27.16
C VAL C 16 -24.68 -16.88 -26.39
N ARG C 17 -23.54 -16.46 -26.92
CA ARG C 17 -22.24 -16.73 -26.31
C ARG C 17 -21.67 -15.42 -25.74
N ILE C 18 -20.85 -15.52 -24.69
CA ILE C 18 -20.19 -14.34 -24.17
C ILE C 18 -18.68 -14.43 -24.38
N VAL C 19 -18.12 -13.41 -25.04
CA VAL C 19 -16.68 -13.36 -25.30
C VAL C 19 -16.02 -12.43 -24.30
N ASP C 20 -14.99 -12.93 -23.62
CA ASP C 20 -14.26 -12.14 -22.64
C ASP C 20 -13.23 -11.28 -23.39
N LEU C 21 -13.35 -9.96 -23.32
CA LEU C 21 -12.44 -9.09 -24.05
C LEU C 21 -11.34 -8.53 -23.13
N THR C 22 -11.07 -9.24 -22.04
CA THR C 22 -10.23 -8.69 -20.99
C THR C 22 -8.87 -9.44 -20.86
N HIS C 23 -7.79 -8.68 -20.70
CA HIS C 23 -6.48 -9.25 -20.34
C HIS C 23 -6.45 -9.52 -18.85
N THR C 24 -5.75 -10.56 -18.44
CA THR C 24 -5.53 -10.83 -17.03
C THR C 24 -4.72 -9.71 -16.40
N LEU C 25 -5.16 -9.25 -15.24
CA LEU C 25 -4.41 -8.30 -14.46
C LEU C 25 -3.26 -9.01 -13.74
N ASP C 26 -2.02 -8.62 -14.06
CA ASP C 26 -0.86 -9.16 -13.37
C ASP C 26 0.32 -8.20 -13.51
N PRO C 27 1.33 -8.31 -12.62
CA PRO C 27 2.46 -7.38 -12.54
C PRO C 27 3.25 -7.16 -13.84
N ASP C 28 3.21 -8.13 -14.74
CA ASP C 28 4.05 -8.08 -15.94
C ASP C 28 3.37 -7.37 -17.10
N PHE C 29 2.06 -7.18 -17.01
CA PHE C 29 1.36 -6.51 -18.09
C PHE C 29 1.71 -5.01 -18.15
N PRO C 30 2.08 -4.53 -19.35
CA PRO C 30 2.55 -3.16 -19.58
C PRO C 30 1.49 -2.07 -19.34
N VAL C 31 1.93 -0.92 -18.84
CA VAL C 31 1.09 0.27 -18.71
C VAL C 31 1.71 1.42 -19.51
N ILE C 32 0.94 2.48 -19.73
CA ILE C 32 1.44 3.60 -20.54
C ILE C 32 2.68 4.26 -19.89
N VAL C 33 3.65 4.62 -20.73
CA VAL C 33 4.85 5.28 -20.24
C VAL C 33 4.91 6.70 -20.79
N LEU C 34 5.08 7.66 -19.88
CA LEU C 34 5.12 9.08 -20.23
C LEU C 34 6.55 9.60 -20.07
N PRO C 35 6.85 10.79 -20.60
CA PRO C 35 8.13 11.43 -20.31
C PRO C 35 8.38 11.49 -18.81
N PRO C 36 9.61 11.19 -18.37
CA PRO C 36 9.97 10.96 -16.95
C PRO C 36 9.63 12.11 -16.00
N GLU C 37 9.45 13.32 -16.52
CA GLU C 37 9.11 14.46 -15.68
C GLU C 37 7.67 14.39 -15.16
N PHE C 38 6.84 13.57 -15.82
CA PHE C 38 5.44 13.45 -15.43
C PHE C 38 5.22 12.29 -14.46
N GLY C 39 4.14 12.38 -13.68
CA GLY C 39 3.72 11.25 -12.87
C GLY C 39 3.37 10.09 -13.77
N GLN C 40 3.69 8.87 -13.33
CA GLN C 40 3.52 7.71 -14.19
C GLN C 40 2.42 6.77 -13.70
N CYS C 41 1.77 6.14 -14.66
CA CYS C 41 0.81 5.09 -14.40
C CYS C 41 1.47 3.90 -13.68
N ALA C 42 0.77 3.32 -12.72
CA ALA C 42 1.33 2.20 -11.95
C ALA C 42 0.95 0.84 -12.55
N ARG C 43 1.82 -0.13 -12.36
CA ARG C 43 1.53 -1.51 -12.76
C ARG C 43 0.64 -2.15 -11.69
N PHE C 44 -0.05 -3.22 -12.08
CA PHE C 44 -0.86 -4.01 -11.17
C PHE C 44 0.03 -4.75 -10.18
N ARG C 45 -0.33 -4.74 -8.90
CA ARG C 45 0.40 -5.50 -7.89
C ARG C 45 -0.62 -6.16 -6.97
N MET C 46 -0.26 -7.31 -6.41
CA MET C 46 -1.13 -7.95 -5.44
C MET C 46 -0.30 -8.66 -4.38
N GLU C 47 -0.82 -8.70 -3.16
CA GLU C 47 -0.13 -9.37 -2.06
C GLU C 47 -1.17 -10.10 -1.21
N GLU C 48 -0.81 -11.27 -0.67
CA GLU C 48 -1.73 -12.05 0.18
C GLU C 48 -2.01 -11.38 1.51
N ILE C 49 -3.29 -11.36 1.91
CA ILE C 49 -3.68 -11.05 3.29
C ILE C 49 -3.57 -12.34 4.09
N SER C 50 -4.09 -13.42 3.52
CA SER C 50 -3.97 -14.77 4.07
C SER C 50 -4.18 -15.77 2.94
N ALA C 51 -3.71 -17.00 3.13
CA ALA C 51 -3.93 -18.05 2.15
C ALA C 51 -4.13 -19.39 2.87
N TYR C 52 -5.27 -19.51 3.55
CA TYR C 52 -5.58 -20.68 4.36
C TYR C 52 -4.43 -20.95 5.33
N ASP C 53 -4.00 -19.91 6.03
CA ASP C 53 -2.84 -20.04 6.93
C ASP C 53 -3.13 -19.36 8.28
N HIS C 54 -2.10 -19.13 9.08
CA HIS C 54 -2.29 -18.56 10.42
C HIS C 54 -2.86 -17.14 10.38
N ARG C 55 -2.69 -16.45 9.25
CA ARG C 55 -3.24 -15.11 9.04
C ARG C 55 -4.72 -15.14 8.69
N GLY C 56 -5.22 -16.34 8.38
CA GLY C 56 -6.60 -16.52 7.94
C GLY C 56 -6.84 -17.98 7.59
N PRO C 57 -7.15 -18.81 8.60
CA PRO C 57 -7.06 -20.27 8.47
C PRO C 57 -7.91 -20.93 7.38
N ALA C 58 -9.11 -20.43 7.11
CA ALA C 58 -10.04 -21.11 6.22
C ALA C 58 -10.31 -20.31 4.94
N TRP C 59 -9.52 -19.25 4.70
CA TRP C 59 -9.81 -18.40 3.56
C TRP C 59 -8.55 -17.81 2.92
N LYS C 60 -8.71 -17.32 1.69
CA LYS C 60 -7.64 -16.72 0.94
C LYS C 60 -8.18 -15.44 0.30
N TRP C 61 -7.37 -14.38 0.32
CA TRP C 61 -7.72 -13.08 -0.29
C TRP C 61 -6.48 -12.18 -0.36
N HIS C 62 -6.53 -11.20 -1.26
CA HIS C 62 -5.39 -10.32 -1.54
C HIS C 62 -5.71 -8.85 -1.39
N ASN C 63 -4.66 -8.07 -1.09
CA ASN C 63 -4.66 -6.64 -1.33
C ASN C 63 -4.18 -6.37 -2.76
N ILE C 64 -4.76 -5.38 -3.41
CA ILE C 64 -4.34 -5.08 -4.77
C ILE C 64 -4.07 -3.60 -4.92
N SER C 65 -3.17 -3.26 -5.84
CA SER C 65 -2.90 -1.87 -6.12
C SER C 65 -2.66 -1.71 -7.61
N MET C 66 -3.08 -0.56 -8.15
CA MET C 66 -2.96 -0.29 -9.57
C MET C 66 -3.26 1.17 -9.84
N SER C 67 -3.42 1.51 -11.11
CA SER C 67 -3.97 2.81 -11.45
C SER C 67 -5.35 2.65 -12.07
N GLU C 68 -6.07 3.76 -12.15
CA GLU C 68 -7.32 3.78 -12.86
C GLU C 68 -7.12 3.33 -14.30
N HIS C 69 -5.92 3.56 -14.85
CA HIS C 69 -5.68 3.28 -16.26
C HIS C 69 -4.70 2.11 -16.49
N THR C 70 -4.85 1.10 -15.65
CA THR C 70 -4.09 -0.14 -15.72
C THR C 70 -4.83 -1.26 -16.46
N GLY C 71 -4.14 -1.91 -17.39
CA GLY C 71 -4.70 -3.07 -18.06
C GLY C 71 -5.90 -2.72 -18.91
N THR C 72 -6.74 -3.72 -19.16
CA THR C 72 -8.02 -3.48 -19.82
C THR C 72 -8.81 -2.50 -18.96
N HIS C 73 -9.04 -1.30 -19.48
CA HIS C 73 -9.67 -0.26 -18.68
C HIS C 73 -10.50 0.74 -19.47
N PHE C 74 -11.24 1.52 -18.71
CA PHE C 74 -12.27 2.43 -19.21
C PHE C 74 -11.77 3.85 -18.95
N ASP C 75 -11.85 4.73 -19.93
CA ASP C 75 -11.50 6.14 -19.73
C ASP C 75 -12.76 6.98 -19.73
N ALA C 76 -12.95 7.74 -18.65
CA ALA C 76 -14.08 8.67 -18.52
C ALA C 76 -13.64 10.06 -18.97
N PRO C 77 -14.60 10.94 -19.33
CA PRO C 77 -14.20 12.28 -19.83
C PRO C 77 -13.30 13.10 -18.90
N SER C 78 -13.46 12.99 -17.58
CA SER C 78 -12.64 13.80 -16.66
C SER C 78 -11.14 13.45 -16.71
N HIS C 79 -10.82 12.34 -17.36
CA HIS C 79 -9.42 11.93 -17.54
C HIS C 79 -8.64 12.99 -18.33
N TRP C 80 -9.32 13.71 -19.22
CA TRP C 80 -8.67 14.71 -20.04
C TRP C 80 -9.13 16.11 -19.69
N ILE C 81 -8.25 17.09 -19.90
CA ILE C 81 -8.52 18.48 -19.58
C ILE C 81 -9.74 19.01 -20.34
N SER C 82 -9.97 18.47 -21.53
CA SER C 82 -11.10 18.87 -22.37
C SER C 82 -12.44 18.41 -21.79
N GLY C 83 -12.40 17.45 -20.89
CA GLY C 83 -13.63 16.93 -20.30
C GLY C 83 -13.82 17.42 -18.89
N LYS C 84 -13.04 18.44 -18.51
CA LYS C 84 -13.03 18.98 -17.16
C LYS C 84 -14.40 19.49 -16.71
N ASP C 85 -15.16 20.05 -17.64
CA ASP C 85 -16.41 20.71 -17.30
C ASP C 85 -17.62 20.02 -17.88
N VAL C 86 -17.42 18.88 -18.53
CA VAL C 86 -18.55 18.14 -19.07
C VAL C 86 -19.28 17.45 -17.91
N PRO C 87 -20.62 17.40 -17.99
CA PRO C 87 -21.43 16.72 -16.97
C PRO C 87 -21.18 15.20 -16.89
N ASN C 88 -21.30 14.64 -15.69
CA ASN C 88 -21.11 13.19 -15.50
C ASN C 88 -19.79 12.69 -16.04
N GLY C 89 -18.74 13.44 -15.76
CA GLY C 89 -17.42 13.20 -16.35
C GLY C 89 -16.61 12.12 -15.64
N SER C 90 -17.04 11.72 -14.45
CA SER C 90 -16.33 10.67 -13.71
C SER C 90 -17.07 9.32 -13.77
N VAL C 91 -16.33 8.23 -13.53
CA VAL C 91 -16.90 6.90 -13.74
C VAL C 91 -18.08 6.59 -12.83
N ASP C 92 -18.15 7.26 -11.68
CA ASP C 92 -19.23 7.01 -10.73
C ASP C 92 -20.49 7.82 -11.08
N GLU C 93 -20.37 8.71 -12.06
CA GLU C 93 -21.47 9.61 -12.45
C GLU C 93 -22.09 9.28 -13.80
N ILE C 94 -21.36 8.52 -14.62
CA ILE C 94 -21.84 8.13 -15.93
C ILE C 94 -23.12 7.34 -15.81
N PRO C 95 -24.17 7.75 -16.56
CA PRO C 95 -25.43 7.01 -16.53
C PRO C 95 -25.20 5.55 -16.91
N ALA C 96 -25.78 4.64 -16.13
CA ALA C 96 -25.55 3.20 -16.25
C ALA C 96 -25.93 2.65 -17.60
N GLU C 97 -26.82 3.33 -18.31
CA GLU C 97 -27.26 2.90 -19.63
C GLU C 97 -26.11 2.86 -20.62
N ALA C 98 -25.07 3.63 -20.33
CA ALA C 98 -23.90 3.68 -21.18
C ALA C 98 -23.06 2.41 -21.12
N PHE C 99 -23.34 1.55 -20.14
CA PHE C 99 -22.45 0.43 -19.85
C PHE C 99 -22.82 -0.83 -20.61
N VAL C 100 -23.99 -0.82 -21.23
CA VAL C 100 -24.44 -1.92 -22.07
C VAL C 100 -25.01 -1.37 -23.38
N GLY C 101 -24.52 -1.85 -24.51
CA GLY C 101 -25.03 -1.35 -25.78
C GLY C 101 -24.44 -2.01 -27.01
N PRO C 102 -24.94 -1.62 -28.19
CA PRO C 102 -24.46 -2.13 -29.47
C PRO C 102 -23.00 -1.76 -29.67
N VAL C 103 -22.27 -2.63 -30.35
CA VAL C 103 -20.86 -2.38 -30.63
C VAL C 103 -20.59 -2.74 -32.08
N VAL C 104 -19.78 -1.92 -32.76
CA VAL C 104 -19.34 -2.28 -34.10
C VAL C 104 -17.83 -2.43 -34.08
N VAL C 105 -17.33 -3.33 -34.92
CA VAL C 105 -15.92 -3.65 -34.95
C VAL C 105 -15.34 -3.41 -36.35
N ILE C 106 -14.39 -2.49 -36.43
CA ILE C 106 -13.72 -2.18 -37.68
C ILE C 106 -12.38 -2.90 -37.75
N ASP C 107 -12.24 -3.82 -38.69
CA ASP C 107 -11.02 -4.63 -38.78
C ASP C 107 -9.88 -3.90 -39.45
N CYS C 108 -8.92 -3.46 -38.65
CA CYS C 108 -7.71 -2.80 -39.15
C CYS C 108 -6.46 -3.64 -38.91
N SER C 109 -6.66 -4.96 -38.80
CA SER C 109 -5.57 -5.86 -38.44
C SER C 109 -4.52 -5.94 -39.55
N LYS C 110 -4.98 -5.93 -40.79
CA LYS C 110 -4.06 -5.95 -41.92
C LYS C 110 -3.22 -4.68 -41.92
N GLY C 111 -3.86 -3.54 -41.68
CA GLY C 111 -3.18 -2.26 -41.63
C GLY C 111 -2.14 -2.10 -40.55
N ALA C 112 -2.48 -2.55 -39.33
CA ALA C 112 -1.57 -2.42 -38.20
C ALA C 112 -0.31 -3.28 -38.38
N ALA C 113 -0.46 -4.40 -39.06
CA ALA C 113 0.64 -5.34 -39.27
C ALA C 113 1.72 -4.76 -40.18
N GLU C 114 1.35 -3.81 -41.02
CA GLU C 114 2.29 -3.26 -41.97
C GLU C 114 2.87 -1.91 -41.52
N ASN C 115 2.21 -1.29 -40.55
CA ASN C 115 2.61 0.02 -40.07
C ASN C 115 2.34 0.17 -38.58
N ASP C 116 3.41 0.34 -37.80
CA ASP C 116 3.27 0.53 -36.36
C ASP C 116 2.43 1.76 -36.05
N ASP C 117 2.54 2.76 -36.90
CA ASP C 117 1.80 3.99 -36.70
C ASP C 117 0.55 4.00 -37.59
N PHE C 118 -0.02 2.82 -37.84
CA PHE C 118 -1.16 2.72 -38.75
C PHE C 118 -2.32 3.58 -38.29
N GLU C 119 -2.95 4.25 -39.26
CA GLU C 119 -4.00 5.20 -38.98
C GLU C 119 -5.39 4.73 -39.39
N LEU C 120 -6.32 4.74 -38.44
CA LEU C 120 -7.74 4.65 -38.78
C LEU C 120 -8.16 6.01 -39.31
N THR C 121 -8.68 6.03 -40.53
CA THR C 121 -9.06 7.26 -41.20
C THR C 121 -10.55 7.32 -41.51
N PRO C 122 -11.08 8.53 -41.77
CA PRO C 122 -12.44 8.65 -42.30
C PRO C 122 -12.67 7.78 -43.54
N GLU C 123 -11.69 7.73 -44.45
CA GLU C 123 -11.81 6.89 -45.63
C GLU C 123 -12.03 5.42 -45.31
N ILE C 124 -11.30 4.90 -44.33
CA ILE C 124 -11.48 3.52 -43.90
C ILE C 124 -12.87 3.33 -43.31
N ILE C 125 -13.30 4.28 -42.50
CA ILE C 125 -14.62 4.20 -41.87
C ILE C 125 -15.74 4.22 -42.93
N ALA C 126 -15.60 5.08 -43.94
CA ALA C 126 -16.58 5.16 -45.01
C ALA C 126 -16.67 3.83 -45.76
N GLY C 127 -15.52 3.19 -45.98
CA GLY C 127 -15.49 1.91 -46.64
C GLY C 127 -16.19 0.84 -45.82
N TRP C 128 -15.93 0.84 -44.52
CA TRP C 128 -16.59 -0.09 -43.62
C TRP C 128 -18.11 0.10 -43.67
N GLU C 129 -18.54 1.35 -43.64
CA GLU C 129 -19.97 1.68 -43.65
C GLU C 129 -20.67 1.29 -44.96
N SER C 130 -19.95 1.38 -46.08
CA SER C 130 -20.52 1.00 -47.36
C SER C 130 -20.86 -0.49 -47.39
N GLU C 131 -20.14 -1.25 -46.58
CA GLU C 131 -20.31 -2.70 -46.49
C GLU C 131 -21.26 -3.09 -45.36
N HIS C 132 -21.16 -2.40 -44.22
CA HIS C 132 -21.88 -2.81 -43.01
C HIS C 132 -22.97 -1.85 -42.55
N GLY C 133 -23.25 -0.83 -43.34
CA GLY C 133 -24.26 0.14 -42.98
C GLY C 133 -23.67 1.23 -42.09
N ARG C 134 -24.37 2.34 -41.96
CA ARG C 134 -23.88 3.43 -41.12
C ARG C 134 -23.70 2.98 -39.66
N ILE C 135 -22.67 3.50 -39.02
CA ILE C 135 -22.48 3.26 -37.60
C ILE C 135 -23.68 3.84 -36.87
N PRO C 136 -24.40 2.99 -36.12
CA PRO C 136 -25.58 3.50 -35.43
C PRO C 136 -25.22 4.53 -34.35
N GLU C 137 -26.12 5.47 -34.10
CA GLU C 137 -25.92 6.45 -33.06
C GLU C 137 -25.75 5.71 -31.72
N ASP C 138 -24.92 6.26 -30.84
CA ASP C 138 -24.69 5.74 -29.49
C ASP C 138 -24.09 4.32 -29.50
N ALA C 139 -23.37 3.98 -30.55
CA ALA C 139 -22.71 2.68 -30.57
C ALA C 139 -21.27 2.80 -30.05
N TRP C 140 -20.78 1.71 -29.48
CA TRP C 140 -19.36 1.56 -29.22
C TRP C 140 -18.68 1.23 -30.54
N VAL C 141 -17.56 1.89 -30.81
CA VAL C 141 -16.78 1.59 -32.00
C VAL C 141 -15.43 1.02 -31.57
N LEU C 142 -15.14 -0.20 -32.02
CA LEU C 142 -13.86 -0.81 -31.69
C LEU C 142 -12.95 -0.93 -32.91
N MET C 143 -11.72 -0.46 -32.76
CA MET C 143 -10.70 -0.63 -33.79
C MET C 143 -9.89 -1.90 -33.53
N ARG C 144 -10.23 -2.97 -34.23
CA ARG C 144 -9.52 -4.23 -34.11
C ARG C 144 -8.21 -4.17 -34.87
N THR C 145 -7.11 -4.56 -34.23
CA THR C 145 -5.80 -4.58 -34.87
C THR C 145 -5.07 -5.87 -34.54
N ASP C 146 -5.65 -6.65 -33.64
CA ASP C 146 -5.00 -7.85 -33.10
C ASP C 146 -3.68 -7.50 -32.45
N TRP C 147 -3.54 -6.26 -31.99
CA TRP C 147 -2.32 -5.82 -31.32
C TRP C 147 -2.11 -6.58 -30.02
N SER C 148 -3.20 -7.09 -29.46
CA SER C 148 -3.15 -7.83 -28.19
C SER C 148 -2.30 -9.09 -28.32
N LYS C 149 -1.95 -9.46 -29.55
CA LYS C 149 -1.08 -10.61 -29.78
C LYS C 149 0.41 -10.26 -29.61
N ARG C 150 0.76 -8.98 -29.66
CA ARG C 150 2.13 -8.58 -29.41
C ARG C 150 2.45 -8.68 -27.93
N ARG C 151 3.56 -9.33 -27.64
CA ARG C 151 3.98 -9.55 -26.27
C ARG C 151 5.33 -8.90 -26.05
N GLY C 152 5.76 -8.86 -24.79
CA GLY C 152 7.02 -8.24 -24.44
C GLY C 152 6.97 -6.75 -24.65
N ALA C 153 8.14 -6.18 -24.96
CA ALA C 153 8.30 -4.74 -25.16
C ALA C 153 7.62 -4.29 -26.45
N ASP C 154 7.22 -5.24 -27.29
CA ASP C 154 6.58 -4.95 -28.57
C ASP C 154 5.19 -4.37 -28.41
N TYR C 155 4.59 -4.59 -27.25
CA TYR C 155 3.22 -4.17 -26.98
C TYR C 155 3.12 -2.65 -26.75
N LEU C 156 3.97 -2.10 -25.88
CA LEU C 156 4.12 -0.65 -25.76
C LEU C 156 4.83 -0.08 -27.01
N ASN C 157 5.83 -0.81 -27.49
CA ASN C 157 6.59 -0.43 -28.67
C ASN C 157 7.24 0.96 -28.54
N MET C 158 7.92 1.19 -27.42
CA MET C 158 8.58 2.47 -27.15
C MET C 158 9.83 2.68 -28.01
N ARG C 159 9.89 3.81 -28.70
CA ARG C 159 11.10 4.21 -29.39
C ARG C 159 11.64 5.45 -28.69
N ALA C 160 12.71 6.02 -29.23
CA ALA C 160 13.36 7.17 -28.59
C ALA C 160 12.46 8.41 -28.52
N ASP C 161 11.53 8.56 -29.46
CA ASP C 161 10.64 9.72 -29.46
C ASP C 161 9.26 9.35 -28.91
N GLY C 162 9.16 8.26 -28.16
CA GLY C 162 7.90 7.85 -27.59
C GLY C 162 7.37 6.55 -28.19
N PRO C 163 6.14 6.17 -27.81
CA PRO C 163 5.52 4.94 -28.30
C PRO C 163 5.05 5.00 -29.76
N HIS C 164 5.08 3.87 -30.45
CA HIS C 164 4.57 3.76 -31.81
C HIS C 164 3.59 2.59 -31.93
N SER C 165 2.31 2.92 -32.05
CA SER C 165 1.23 1.93 -32.07
C SER C 165 0.03 2.50 -32.82
N PRO C 166 -0.77 1.64 -33.48
CA PRO C 166 -1.89 2.09 -34.31
C PRO C 166 -2.89 2.96 -33.55
N GLY C 167 -3.71 3.71 -34.28
CA GLY C 167 -4.69 4.56 -33.65
C GLY C 167 -5.47 5.35 -34.67
N PRO C 168 -6.46 6.12 -34.22
CA PRO C 168 -7.25 6.96 -35.13
C PRO C 168 -6.63 8.33 -35.38
N THR C 169 -6.84 8.88 -36.57
CA THR C 169 -6.44 10.24 -36.87
C THR C 169 -7.46 11.22 -36.28
N PRO C 170 -7.05 12.48 -36.07
CA PRO C 170 -8.00 13.51 -35.59
C PRO C 170 -9.26 13.62 -36.45
N GLU C 171 -9.13 13.53 -37.77
CA GLU C 171 -10.28 13.58 -38.67
C GLU C 171 -11.21 12.38 -38.49
N ALA C 172 -10.63 11.20 -38.25
CA ALA C 172 -11.42 10.01 -38.01
C ALA C 172 -12.25 10.14 -36.73
N ILE C 173 -11.62 10.63 -35.68
CA ILE C 173 -12.29 10.80 -34.38
C ILE C 173 -13.40 11.86 -34.48
N ARG C 174 -13.07 12.98 -35.11
CA ARG C 174 -14.04 14.05 -35.29
C ARG C 174 -15.24 13.57 -36.11
N PHE C 175 -14.97 12.73 -37.12
CA PHE C 175 -16.02 12.14 -37.94
C PHE C 175 -16.96 11.27 -37.11
N LEU C 176 -16.38 10.40 -36.28
CA LEU C 176 -17.18 9.51 -35.45
C LEU C 176 -18.03 10.30 -34.44
N ILE C 177 -17.44 11.37 -33.89
CA ILE C 177 -18.14 12.17 -32.90
C ILE C 177 -19.21 13.04 -33.55
N GLU C 178 -18.81 13.85 -34.51
CA GLU C 178 -19.73 14.83 -35.08
C GLU C 178 -20.74 14.24 -36.06
N GLU C 179 -20.35 13.21 -36.79
CA GLU C 179 -21.22 12.71 -37.86
C GLU C 179 -21.98 11.43 -37.49
N ARG C 180 -21.57 10.74 -36.44
CA ARG C 180 -22.20 9.47 -36.07
C ARG C 180 -22.65 9.41 -34.61
N ASN C 181 -22.21 10.40 -33.83
CA ASN C 181 -22.49 10.50 -32.40
C ASN C 181 -22.26 9.18 -31.68
N ILE C 182 -21.07 8.64 -31.80
CA ILE C 182 -20.77 7.38 -31.11
C ILE C 182 -20.74 7.54 -29.59
N ARG C 183 -20.90 6.42 -28.88
CA ARG C 183 -20.83 6.42 -27.43
C ARG C 183 -19.36 6.39 -26.97
N GLY C 184 -18.53 5.66 -27.70
CA GLY C 184 -17.16 5.49 -27.28
C GLY C 184 -16.29 4.74 -28.27
N PHE C 185 -15.00 4.73 -28.01
CA PHE C 185 -14.02 4.16 -28.90
C PHE C 185 -13.10 3.24 -28.11
N GLY C 186 -12.84 2.04 -28.63
CA GLY C 186 -12.01 1.06 -27.94
C GLY C 186 -10.91 0.52 -28.83
N THR C 187 -9.79 0.14 -28.22
CA THR C 187 -8.64 -0.37 -28.96
C THR C 187 -8.01 -1.57 -28.24
N GLU C 188 -7.12 -2.24 -28.94
CA GLU C 188 -6.34 -3.33 -28.35
C GLU C 188 -4.97 -2.83 -27.91
N THR C 189 -4.69 -1.55 -28.15
CA THR C 189 -3.43 -0.93 -27.71
C THR C 189 -3.60 -0.33 -26.30
N VAL C 190 -2.52 0.21 -25.74
CA VAL C 190 -2.58 0.74 -24.37
C VAL C 190 -3.36 2.04 -24.27
N GLY C 191 -3.45 2.75 -25.38
CA GLY C 191 -4.15 4.02 -25.41
C GLY C 191 -5.20 4.04 -26.51
N THR C 192 -6.14 4.98 -26.42
CA THR C 192 -7.13 5.19 -27.46
C THR C 192 -6.54 6.04 -28.59
N ASP C 193 -5.46 6.74 -28.27
CA ASP C 193 -4.71 7.51 -29.27
C ASP C 193 -3.54 6.67 -29.77
N ALA C 194 -3.08 6.97 -30.98
CA ALA C 194 -1.86 6.39 -31.49
C ALA C 194 -0.70 6.75 -30.56
N GLY C 195 0.36 5.95 -30.61
CA GLY C 195 1.54 6.21 -29.81
C GLY C 195 2.13 7.61 -30.02
N GLN C 196 2.11 8.09 -31.26
CA GLN C 196 2.67 9.41 -31.56
C GLN C 196 1.63 10.52 -31.53
N GLY C 197 0.51 10.27 -30.86
CA GLY C 197 -0.62 11.20 -30.87
C GLY C 197 -0.38 12.61 -30.35
N ALA C 198 0.71 12.83 -29.64
CA ALA C 198 1.03 14.17 -29.13
C ALA C 198 1.30 15.17 -30.26
N HIS C 199 1.61 14.64 -31.44
CA HIS C 199 2.00 15.48 -32.57
C HIS C 199 0.87 15.71 -33.56
N TYR C 200 -0.33 15.22 -33.21
CA TYR C 200 -1.51 15.57 -33.96
C TYR C 200 -1.98 16.96 -33.55
N VAL C 201 -2.90 17.54 -34.32
CA VAL C 201 -3.53 18.80 -33.91
C VAL C 201 -5.05 18.63 -33.86
N PRO C 202 -5.62 18.67 -32.64
CA PRO C 202 -4.94 18.89 -31.37
C PRO C 202 -4.17 17.66 -30.87
N PRO C 203 -3.19 17.85 -29.98
CA PRO C 203 -2.41 16.76 -29.39
C PRO C 203 -3.31 15.71 -28.73
N TYR C 204 -3.00 14.43 -28.95
CA TYR C 204 -3.85 13.34 -28.47
C TYR C 204 -5.32 13.54 -28.82
N PRO C 205 -5.64 13.51 -30.13
CA PRO C 205 -7.00 13.84 -30.60
C PRO C 205 -8.09 12.88 -30.11
N ALA C 206 -7.81 11.59 -29.99
CA ALA C 206 -8.81 10.65 -29.48
C ALA C 206 -9.20 11.05 -28.06
N HIS C 207 -8.22 11.25 -27.19
CA HIS C 207 -8.51 11.71 -25.83
C HIS C 207 -9.12 13.11 -25.81
N TYR C 208 -8.48 14.06 -26.49
CA TYR C 208 -8.93 15.44 -26.47
C TYR C 208 -10.36 15.60 -26.96
N LEU C 209 -10.65 14.97 -28.09
CA LEU C 209 -11.95 15.12 -28.74
C LEU C 209 -13.05 14.27 -28.09
N LEU C 210 -12.77 12.99 -27.85
CA LEU C 210 -13.78 12.11 -27.26
C LEU C 210 -14.22 12.64 -25.92
N HIS C 211 -13.25 12.92 -25.05
CA HIS C 211 -13.54 13.32 -23.69
C HIS C 211 -14.08 14.74 -23.63
N GLY C 212 -13.69 15.57 -24.59
CA GLY C 212 -14.31 16.88 -24.72
C GLY C 212 -15.77 16.78 -25.14
N ALA C 213 -16.11 15.70 -25.84
CA ALA C 213 -17.49 15.49 -26.29
C ALA C 213 -18.26 14.59 -25.32
N GLY C 214 -17.63 14.25 -24.20
CA GLY C 214 -18.26 13.41 -23.19
C GLY C 214 -18.33 11.95 -23.59
N LYS C 215 -17.41 11.54 -24.45
CA LYS C 215 -17.40 10.16 -24.94
C LYS C 215 -16.39 9.34 -24.14
N TYR C 216 -16.44 8.03 -24.31
CA TYR C 216 -15.64 7.15 -23.46
C TYR C 216 -14.59 6.41 -24.25
N GLY C 217 -13.57 5.92 -23.55
CA GLY C 217 -12.53 5.16 -24.19
C GLY C 217 -12.41 3.80 -23.56
N LEU C 218 -11.99 2.82 -24.35
CA LEU C 218 -11.59 1.51 -23.83
C LEU C 218 -10.22 1.19 -24.38
N GLN C 219 -9.36 0.61 -23.55
CA GLN C 219 -7.99 0.29 -23.97
C GLN C 219 -7.62 -1.14 -23.57
N CYS C 220 -6.61 -1.71 -24.24
CA CYS C 220 -6.10 -3.04 -23.91
C CYS C 220 -7.16 -4.13 -23.99
N LEU C 221 -8.02 -4.02 -25.00
CA LEU C 221 -9.03 -5.05 -25.28
C LEU C 221 -8.39 -6.27 -25.94
N ALA C 222 -8.94 -7.45 -25.63
CA ALA C 222 -8.47 -8.70 -26.21
C ALA C 222 -9.58 -9.40 -26.96
N ASN C 223 -9.20 -10.35 -27.82
CA ASN C 223 -10.14 -11.23 -28.51
C ASN C 223 -11.13 -10.52 -29.42
N LEU C 224 -10.76 -9.38 -29.96
CA LEU C 224 -11.63 -8.67 -30.89
C LEU C 224 -11.82 -9.47 -32.18
N ASP C 225 -10.89 -10.37 -32.49
CA ASP C 225 -11.01 -11.18 -33.70
C ASP C 225 -12.14 -12.20 -33.60
N GLN C 226 -12.74 -12.31 -32.42
CA GLN C 226 -13.85 -13.23 -32.19
C GLN C 226 -15.20 -12.54 -32.32
N LEU C 227 -15.17 -11.26 -32.66
CA LEU C 227 -16.40 -10.48 -32.73
C LEU C 227 -16.82 -10.27 -34.16
N PRO C 228 -18.14 -10.20 -34.40
CA PRO C 228 -18.68 -9.80 -35.69
C PRO C 228 -18.57 -8.29 -35.88
N ALA C 229 -18.59 -7.83 -37.13
CA ALA C 229 -18.55 -6.41 -37.43
C ALA C 229 -19.73 -5.70 -36.80
N THR C 230 -20.91 -6.29 -36.91
CA THR C 230 -22.11 -5.71 -36.31
C THR C 230 -22.87 -6.80 -35.57
N GLY C 231 -23.75 -6.40 -34.65
CA GLY C 231 -24.66 -7.32 -34.01
C GLY C 231 -24.32 -7.78 -32.60
N ALA C 232 -23.09 -7.57 -32.15
CA ALA C 232 -22.70 -7.95 -30.80
C ALA C 232 -23.12 -6.87 -29.80
N VAL C 233 -23.28 -7.26 -28.55
CA VAL C 233 -23.63 -6.30 -27.49
C VAL C 233 -22.49 -6.19 -26.50
N LEU C 234 -22.01 -4.97 -26.28
CA LEU C 234 -20.86 -4.79 -25.40
C LEU C 234 -21.29 -4.50 -23.97
N ILE C 235 -20.60 -5.14 -23.03
CA ILE C 235 -20.76 -4.84 -21.62
C ILE C 235 -19.47 -4.23 -21.07
N ALA C 236 -19.55 -2.96 -20.69
CA ALA C 236 -18.37 -2.26 -20.19
C ALA C 236 -18.75 -1.35 -19.04
N ALA C 237 -18.80 -1.96 -17.84
CA ALA C 237 -19.17 -1.24 -16.64
C ALA C 237 -17.98 -0.97 -15.75
N PRO C 238 -17.53 0.30 -15.70
CA PRO C 238 -16.36 0.58 -14.87
C PRO C 238 -16.69 0.56 -13.38
N LEU C 239 -15.66 0.36 -12.56
CA LEU C 239 -15.78 0.45 -11.11
C LEU C 239 -16.34 1.82 -10.71
N LYS C 240 -17.15 1.83 -9.67
CA LYS C 240 -17.79 3.06 -9.27
C LYS C 240 -16.87 3.90 -8.38
N ILE C 241 -15.71 4.26 -8.92
CA ILE C 241 -14.73 5.01 -8.15
C ILE C 241 -15.17 6.45 -7.97
N LYS C 242 -15.23 6.91 -6.72
CA LYS C 242 -15.59 8.30 -6.41
C LYS C 242 -14.67 9.29 -7.14
N ASN C 243 -15.28 10.15 -7.94
CA ASN C 243 -14.54 11.13 -8.75
C ASN C 243 -13.47 10.49 -9.64
N GLY C 244 -13.68 9.22 -10.00
CA GLY C 244 -12.69 8.49 -10.77
C GLY C 244 -12.62 8.91 -12.23
N THR C 245 -11.41 8.91 -12.80
CA THR C 245 -11.22 9.32 -14.19
C THR C 245 -11.26 8.13 -15.13
N GLY C 246 -11.43 6.94 -14.55
CA GLY C 246 -11.49 5.72 -15.31
C GLY C 246 -11.31 4.55 -14.36
N SER C 247 -11.27 3.32 -14.90
CA SER C 247 -10.95 2.15 -14.07
C SER C 247 -10.69 0.90 -14.85
N PRO C 248 -9.89 -0.02 -14.28
CA PRO C 248 -9.89 -1.35 -14.88
C PRO C 248 -11.29 -1.94 -14.85
N LEU C 249 -11.60 -2.84 -15.77
CA LEU C 249 -12.90 -3.50 -15.77
C LEU C 249 -12.82 -4.77 -16.57
N ARG C 250 -13.83 -5.61 -16.37
CA ARG C 250 -14.01 -6.82 -17.16
C ARG C 250 -14.89 -6.49 -18.35
N VAL C 251 -14.31 -6.37 -19.54
CA VAL C 251 -15.12 -6.07 -20.73
C VAL C 251 -15.63 -7.35 -21.38
N LEU C 252 -16.92 -7.43 -21.66
CA LEU C 252 -17.49 -8.61 -22.30
C LEU C 252 -18.24 -8.23 -23.57
N ALA C 253 -18.34 -9.17 -24.50
CA ALA C 253 -19.22 -8.97 -25.63
C ALA C 253 -20.15 -10.18 -25.73
N MET C 254 -21.44 -9.94 -25.88
CA MET C 254 -22.38 -11.02 -26.14
C MET C 254 -22.58 -11.14 -27.64
N VAL C 255 -22.46 -12.36 -28.15
CA VAL C 255 -22.57 -12.60 -29.58
CA VAL C 255 -22.56 -12.61 -29.58
C VAL C 255 -23.60 -13.69 -29.87
N THR C 256 -24.31 -13.55 -30.98
CA THR C 256 -25.28 -14.55 -31.40
C THR C 256 -24.58 -15.64 -32.20
N SER D 2 -33.09 -11.42 -33.40
CA SER D 2 -32.39 -12.17 -32.35
C SER D 2 -32.66 -11.56 -30.98
N SER D 3 -32.34 -12.27 -29.92
CA SER D 3 -32.61 -11.76 -28.58
C SER D 3 -31.69 -10.58 -28.27
N LEU D 4 -30.47 -10.58 -28.81
CA LEU D 4 -29.56 -9.46 -28.61
C LEU D 4 -30.05 -8.20 -29.34
N ASN D 5 -30.58 -8.37 -30.54
CA ASN D 5 -31.13 -7.23 -31.27
C ASN D 5 -32.32 -6.64 -30.52
N GLN D 6 -33.11 -7.49 -29.89
CA GLN D 6 -34.25 -7.01 -29.12
C GLN D 6 -33.80 -6.32 -27.86
N LEU D 7 -32.73 -6.82 -27.24
CA LEU D 7 -32.15 -6.17 -26.07
C LEU D 7 -31.64 -4.77 -26.40
N VAL D 8 -30.95 -4.61 -27.53
CA VAL D 8 -30.45 -3.30 -27.93
C VAL D 8 -31.60 -2.31 -28.15
N SER D 9 -32.63 -2.77 -28.82
CA SER D 9 -33.79 -1.93 -29.14
C SER D 9 -34.50 -1.51 -27.86
N GLY D 10 -34.58 -2.44 -26.92
CA GLY D 10 -35.16 -2.19 -25.61
C GLY D 10 -34.35 -1.23 -24.76
N LEU D 11 -33.02 -1.41 -24.76
CA LEU D 11 -32.16 -0.51 -24.03
C LEU D 11 -32.26 0.90 -24.60
N ALA D 12 -32.32 0.98 -25.92
CA ALA D 12 -32.38 2.26 -26.61
C ALA D 12 -33.72 2.95 -26.35
N SER D 13 -34.80 2.19 -26.28
CA SER D 13 -36.13 2.77 -26.13
C SER D 13 -36.53 2.99 -24.67
N GLY D 14 -35.81 2.34 -23.76
CA GLY D 14 -36.10 2.44 -22.34
C GLY D 14 -37.01 1.33 -21.84
N ALA D 15 -37.47 0.46 -22.74
CA ALA D 15 -38.28 -0.69 -22.36
C ALA D 15 -37.49 -1.63 -21.47
N VAL D 16 -36.17 -1.63 -21.65
CA VAL D 16 -35.26 -2.34 -20.75
C VAL D 16 -34.41 -1.28 -20.03
N ARG D 17 -34.48 -1.30 -18.70
CA ARG D 17 -33.77 -0.33 -17.87
C ARG D 17 -32.58 -1.01 -17.19
N ILE D 18 -31.53 -0.24 -16.92
CA ILE D 18 -30.38 -0.75 -16.20
C ILE D 18 -30.37 -0.16 -14.79
N VAL D 19 -30.36 -1.03 -13.79
CA VAL D 19 -30.30 -0.59 -12.41
C VAL D 19 -28.89 -0.81 -11.89
N ASP D 20 -28.32 0.23 -11.31
CA ASP D 20 -26.97 0.15 -10.75
C ASP D 20 -27.07 -0.43 -9.35
N LEU D 21 -26.48 -1.60 -9.12
CA LEU D 21 -26.57 -2.23 -7.80
C LEU D 21 -25.29 -2.04 -6.99
N THR D 22 -24.52 -1.00 -7.34
CA THR D 22 -23.19 -0.82 -6.80
C THR D 22 -23.07 0.41 -5.89
N HIS D 23 -22.40 0.23 -4.75
CA HIS D 23 -21.99 1.33 -3.90
C HIS D 23 -20.75 1.99 -4.46
N THR D 24 -20.64 3.31 -4.25
CA THR D 24 -19.43 4.02 -4.63
C THR D 24 -18.19 3.47 -3.89
N LEU D 25 -17.12 3.26 -4.64
CA LEU D 25 -15.81 2.92 -4.07
C LEU D 25 -15.21 4.19 -3.49
N ASP D 26 -14.97 4.16 -2.18
CA ASP D 26 -14.39 5.30 -1.47
C ASP D 26 -13.81 4.84 -0.13
N PRO D 27 -12.90 5.63 0.48
CA PRO D 27 -12.24 5.21 1.73
C PRO D 27 -13.18 4.92 2.89
N ASP D 28 -14.36 5.51 2.89
CA ASP D 28 -15.22 5.46 4.05
C ASP D 28 -16.19 4.29 4.07
N PHE D 29 -16.37 3.61 2.94
CA PHE D 29 -17.28 2.50 2.90
C PHE D 29 -16.69 1.35 3.73
N PRO D 30 -17.48 0.84 4.69
CA PRO D 30 -16.96 -0.19 5.61
C PRO D 30 -16.64 -1.50 4.89
N VAL D 31 -15.62 -2.20 5.40
CA VAL D 31 -15.31 -3.52 4.91
C VAL D 31 -15.40 -4.48 6.10
N ILE D 32 -15.43 -5.78 5.82
CA ILE D 32 -15.62 -6.77 6.88
C ILE D 32 -14.50 -6.67 7.90
N VAL D 33 -14.84 -6.85 9.18
CA VAL D 33 -13.83 -6.81 10.23
C VAL D 33 -13.76 -8.20 10.89
N LEU D 34 -12.55 -8.75 10.99
CA LEU D 34 -12.35 -10.08 11.58
C LEU D 34 -11.66 -9.95 12.95
N PRO D 35 -11.63 -11.04 13.75
CA PRO D 35 -10.82 -10.98 14.97
C PRO D 35 -9.39 -10.48 14.69
N PRO D 36 -8.84 -9.64 15.57
CA PRO D 36 -7.58 -8.90 15.33
C PRO D 36 -6.35 -9.77 15.06
N GLU D 37 -6.35 -11.03 15.46
CA GLU D 37 -5.19 -11.88 15.19
C GLU D 37 -5.05 -12.18 13.70
N PHE D 38 -6.12 -11.99 12.93
CA PHE D 38 -6.13 -12.29 11.50
C PHE D 38 -5.80 -11.06 10.65
N GLY D 39 -5.30 -11.31 9.44
CA GLY D 39 -5.14 -10.27 8.44
C GLY D 39 -6.51 -9.68 8.10
N GLN D 40 -6.55 -8.37 7.83
CA GLN D 40 -7.83 -7.69 7.65
C GLN D 40 -8.03 -7.19 6.23
N CYS D 41 -9.29 -7.16 5.79
CA CYS D 41 -9.65 -6.53 4.52
C CYS D 41 -9.29 -5.04 4.57
N ALA D 42 -8.77 -4.51 3.47
CA ALA D 42 -8.38 -3.10 3.42
C ALA D 42 -9.49 -2.23 2.83
N ARG D 43 -9.47 -0.96 3.21
CA ARG D 43 -10.40 0.01 2.67
C ARG D 43 -9.88 0.47 1.32
N PHE D 44 -10.76 1.04 0.51
CA PHE D 44 -10.36 1.64 -0.77
C PHE D 44 -9.59 2.93 -0.53
N ARG D 45 -8.49 3.13 -1.26
CA ARG D 45 -7.75 4.37 -1.22
C ARG D 45 -7.36 4.79 -2.64
N MET D 46 -7.23 6.09 -2.85
CA MET D 46 -6.78 6.60 -4.13
C MET D 46 -5.95 7.85 -3.91
N GLU D 47 -4.98 8.08 -4.79
CA GLU D 47 -4.13 9.26 -4.73
C GLU D 47 -3.95 9.80 -6.13
N GLU D 48 -3.93 11.12 -6.27
CA GLU D 48 -3.72 11.73 -7.58
C GLU D 48 -2.28 11.55 -8.09
N ILE D 49 -2.17 11.14 -9.34
CA ILE D 49 -0.90 11.16 -10.07
C ILE D 49 -0.69 12.56 -10.65
N SER D 50 -1.75 13.10 -11.24
CA SER D 50 -1.74 14.46 -11.73
C SER D 50 -3.18 14.94 -11.85
N ALA D 51 -3.36 16.26 -11.94
CA ALA D 51 -4.69 16.84 -12.14
C ALA D 51 -4.60 18.09 -13.01
N TYR D 52 -4.27 17.88 -14.28
CA TYR D 52 -4.06 18.98 -15.22
C TYR D 52 -3.06 19.99 -14.67
N ASP D 53 -1.94 19.48 -14.18
CA ASP D 53 -0.93 20.31 -13.55
C ASP D 53 0.46 19.93 -14.02
N HIS D 54 1.48 20.40 -13.30
CA HIS D 54 2.86 20.16 -13.71
C HIS D 54 3.21 18.67 -13.71
N ARG D 55 2.43 17.87 -12.98
CA ARG D 55 2.64 16.42 -12.95
C ARG D 55 2.03 15.72 -14.17
N GLY D 56 1.20 16.44 -14.92
CA GLY D 56 0.53 15.88 -16.08
C GLY D 56 -0.42 16.92 -16.65
N PRO D 57 0.09 17.78 -17.55
CA PRO D 57 -0.55 19.02 -17.97
C PRO D 57 -1.96 18.87 -18.56
N ALA D 58 -2.22 17.81 -19.30
CA ALA D 58 -3.48 17.71 -20.03
C ALA D 58 -4.39 16.60 -19.53
N TRP D 59 -4.03 16.01 -18.40
CA TRP D 59 -4.79 14.87 -17.92
C TRP D 59 -4.86 14.77 -16.39
N LYS D 60 -5.81 13.97 -15.93
CA LYS D 60 -6.00 13.72 -14.51
C LYS D 60 -6.22 12.21 -14.30
N TRP D 61 -5.58 11.67 -13.27
CA TRP D 61 -5.72 10.24 -12.97
C TRP D 61 -5.18 9.90 -11.59
N HIS D 62 -5.58 8.73 -11.12
CA HIS D 62 -5.25 8.27 -9.77
C HIS D 62 -4.60 6.89 -9.72
N ASN D 63 -3.78 6.68 -8.70
CA ASN D 63 -3.45 5.32 -8.29
C ASN D 63 -4.48 4.89 -7.25
N ILE D 64 -4.85 3.63 -7.29
CA ILE D 64 -5.87 3.12 -6.39
C ILE D 64 -5.40 1.82 -5.72
N SER D 65 -5.88 1.59 -4.50
CA SER D 65 -5.56 0.35 -3.79
C SER D 65 -6.79 -0.07 -3.01
N MET D 66 -6.93 -1.39 -2.83
CA MET D 66 -8.07 -1.98 -2.12
C MET D 66 -7.76 -3.44 -1.86
N SER D 67 -8.75 -4.17 -1.35
CA SER D 67 -8.65 -5.61 -1.31
C SER D 67 -9.58 -6.15 -2.36
N GLU D 68 -9.42 -7.43 -2.66
CA GLU D 68 -10.35 -8.15 -3.50
C GLU D 68 -11.76 -8.10 -2.92
N HIS D 69 -11.87 -7.96 -1.59
CA HIS D 69 -13.20 -8.01 -0.94
C HIS D 69 -13.62 -6.65 -0.34
N THR D 70 -13.28 -5.59 -1.07
CA THR D 70 -13.63 -4.23 -0.68
C THR D 70 -14.89 -3.76 -1.42
N GLY D 71 -15.84 -3.20 -0.68
CA GLY D 71 -17.03 -2.61 -1.26
C GLY D 71 -17.97 -3.60 -1.92
N THR D 72 -18.79 -3.13 -2.85
CA THR D 72 -19.59 -4.02 -3.68
C THR D 72 -18.65 -4.97 -4.44
N HIS D 73 -18.69 -6.26 -4.11
CA HIS D 73 -17.73 -7.16 -4.71
C HIS D 73 -18.24 -8.58 -4.86
N PHE D 74 -17.44 -9.36 -5.59
CA PHE D 74 -17.74 -10.70 -6.05
C PHE D 74 -16.80 -11.68 -5.35
N ASP D 75 -17.32 -12.78 -4.83
CA ASP D 75 -16.47 -13.79 -4.20
C ASP D 75 -16.41 -15.03 -5.07
N ALA D 76 -15.18 -15.44 -5.41
CA ALA D 76 -14.94 -16.65 -6.20
C ALA D 76 -14.71 -17.82 -5.24
N PRO D 77 -14.91 -19.05 -5.72
CA PRO D 77 -14.77 -20.21 -4.82
C PRO D 77 -13.41 -20.30 -4.12
N SER D 78 -12.35 -19.83 -4.76
CA SER D 78 -11.02 -19.94 -4.15
C SER D 78 -10.88 -19.09 -2.87
N HIS D 79 -11.86 -18.22 -2.59
CA HIS D 79 -11.83 -17.43 -1.37
C HIS D 79 -11.85 -18.32 -0.10
N TRP D 80 -12.49 -19.48 -0.19
CA TRP D 80 -12.62 -20.34 0.98
C TRP D 80 -11.81 -21.61 0.82
N ILE D 81 -11.34 -22.16 1.93
CA ILE D 81 -10.50 -23.34 1.86
C ILE D 81 -11.22 -24.50 1.16
N SER D 82 -12.54 -24.56 1.29
CA SER D 82 -13.32 -25.63 0.67
C SER D 82 -13.42 -25.51 -0.85
N GLY D 83 -13.15 -24.32 -1.36
CA GLY D 83 -13.23 -24.06 -2.78
C GLY D 83 -11.88 -23.85 -3.42
N LYS D 84 -10.82 -24.17 -2.67
CA LYS D 84 -9.44 -23.94 -3.10
C LYS D 84 -9.08 -24.65 -4.40
N ASP D 85 -9.67 -25.82 -4.60
CA ASP D 85 -9.25 -26.67 -5.70
C ASP D 85 -10.34 -26.94 -6.74
N VAL D 86 -11.46 -26.25 -6.64
CA VAL D 86 -12.50 -26.47 -7.63
C VAL D 86 -12.01 -25.88 -8.94
N PRO D 87 -12.31 -26.55 -10.06
CA PRO D 87 -11.88 -26.02 -11.35
C PRO D 87 -12.55 -24.68 -11.63
N ASN D 88 -11.82 -23.80 -12.33
CA ASN D 88 -12.27 -22.44 -12.61
C ASN D 88 -12.63 -21.68 -11.33
N GLY D 89 -11.84 -21.89 -10.27
CA GLY D 89 -12.13 -21.38 -8.95
C GLY D 89 -11.71 -19.95 -8.63
N SER D 90 -10.85 -19.36 -9.47
CA SER D 90 -10.43 -17.98 -9.26
C SER D 90 -11.13 -17.08 -10.28
N VAL D 91 -11.20 -15.78 -9.98
CA VAL D 91 -12.01 -14.87 -10.80
C VAL D 91 -11.53 -14.80 -12.25
N ASP D 92 -10.25 -15.09 -12.49
CA ASP D 92 -9.72 -15.03 -13.85
C ASP D 92 -10.00 -16.30 -14.65
N GLU D 93 -10.57 -17.31 -13.99
CA GLU D 93 -10.83 -18.60 -14.62
C GLU D 93 -12.32 -18.83 -14.84
N ILE D 94 -13.15 -18.06 -14.16
CA ILE D 94 -14.59 -18.22 -14.28
C ILE D 94 -15.05 -17.99 -15.73
N PRO D 95 -15.82 -18.95 -16.27
CA PRO D 95 -16.36 -18.84 -17.64
C PRO D 95 -17.18 -17.55 -17.80
N ALA D 96 -16.98 -16.85 -18.91
CA ALA D 96 -17.64 -15.55 -19.11
C ALA D 96 -19.18 -15.61 -19.09
N GLU D 97 -19.76 -16.75 -19.47
CA GLU D 97 -21.21 -16.89 -19.46
C GLU D 97 -21.78 -16.86 -18.05
N ALA D 98 -20.93 -17.09 -17.06
CA ALA D 98 -21.35 -17.03 -15.66
C ALA D 98 -21.62 -15.60 -15.19
N PHE D 99 -21.26 -14.60 -16.00
CA PHE D 99 -21.27 -13.21 -15.57
C PHE D 99 -22.59 -12.50 -15.89
N VAL D 100 -23.43 -13.16 -16.69
CA VAL D 100 -24.76 -12.65 -17.05
C VAL D 100 -25.77 -13.77 -16.91
N GLY D 101 -26.84 -13.55 -16.16
CA GLY D 101 -27.83 -14.60 -16.00
C GLY D 101 -29.05 -14.20 -15.21
N PRO D 102 -30.02 -15.11 -15.11
CA PRO D 102 -31.26 -14.81 -14.38
C PRO D 102 -30.98 -14.56 -12.90
N VAL D 103 -31.78 -13.70 -12.29
CA VAL D 103 -31.64 -13.40 -10.87
C VAL D 103 -33.01 -13.38 -10.20
N VAL D 104 -33.10 -13.92 -8.99
CA VAL D 104 -34.33 -13.76 -8.22
C VAL D 104 -34.02 -12.94 -6.96
N VAL D 105 -35.00 -12.18 -6.49
CA VAL D 105 -34.78 -11.35 -5.33
C VAL D 105 -35.80 -11.75 -4.27
N ILE D 106 -35.30 -12.21 -3.12
CA ILE D 106 -36.17 -12.55 -1.99
C ILE D 106 -36.24 -11.41 -0.96
N ASP D 107 -37.42 -10.83 -0.79
CA ASP D 107 -37.53 -9.66 0.06
C ASP D 107 -37.64 -10.01 1.54
N CYS D 108 -36.54 -9.81 2.26
CA CYS D 108 -36.47 -10.06 3.69
C CYS D 108 -36.33 -8.76 4.47
N SER D 109 -36.78 -7.67 3.86
CA SER D 109 -36.56 -6.34 4.44
C SER D 109 -37.39 -6.15 5.71
N LYS D 110 -38.61 -6.67 5.73
CA LYS D 110 -39.42 -6.55 6.94
C LYS D 110 -38.77 -7.30 8.10
N GLY D 111 -38.31 -8.52 7.84
CA GLY D 111 -37.66 -9.34 8.83
C GLY D 111 -36.38 -8.72 9.36
N ALA D 112 -35.57 -8.17 8.45
CA ALA D 112 -34.32 -7.54 8.84
C ALA D 112 -34.59 -6.29 9.66
N ALA D 113 -35.70 -5.60 9.37
CA ALA D 113 -36.07 -4.38 10.08
C ALA D 113 -36.47 -4.66 11.52
N GLU D 114 -36.91 -5.89 11.78
CA GLU D 114 -37.36 -6.26 13.12
C GLU D 114 -36.29 -7.03 13.88
N ASN D 115 -35.31 -7.57 13.16
CA ASN D 115 -34.28 -8.41 13.77
C ASN D 115 -32.93 -8.22 13.03
N ASP D 116 -31.92 -7.68 13.71
CA ASP D 116 -30.60 -7.48 13.09
C ASP D 116 -30.01 -8.79 12.60
N ASP D 117 -30.34 -9.88 13.28
CA ASP D 117 -29.80 -11.19 12.95
C ASP D 117 -30.78 -12.03 12.15
N PHE D 118 -31.64 -11.39 11.37
CA PHE D 118 -32.69 -12.10 10.65
C PHE D 118 -32.12 -13.16 9.73
N GLU D 119 -32.74 -14.34 9.77
CA GLU D 119 -32.22 -15.49 9.04
C GLU D 119 -33.08 -15.86 7.85
N LEU D 120 -32.44 -15.95 6.70
CA LEU D 120 -33.07 -16.58 5.55
C LEU D 120 -33.09 -18.09 5.80
N THR D 121 -34.29 -18.65 5.79
CA THR D 121 -34.53 -20.05 6.11
C THR D 121 -35.09 -20.77 4.88
N PRO D 122 -35.04 -22.10 4.88
CA PRO D 122 -35.75 -22.94 3.90
C PRO D 122 -37.26 -22.63 3.81
N GLU D 123 -37.89 -22.42 4.97
CA GLU D 123 -39.31 -22.08 5.00
C GLU D 123 -39.58 -20.80 4.22
N ILE D 124 -38.75 -19.79 4.41
CA ILE D 124 -38.91 -18.52 3.68
C ILE D 124 -38.73 -18.73 2.18
N ILE D 125 -37.73 -19.52 1.80
CA ILE D 125 -37.49 -19.82 0.39
C ILE D 125 -38.69 -20.52 -0.23
N ALA D 126 -39.26 -21.49 0.50
CA ALA D 126 -40.42 -22.24 0.06
C ALA D 126 -41.63 -21.34 -0.12
N GLY D 127 -41.83 -20.43 0.83
CA GLY D 127 -42.91 -19.47 0.74
C GLY D 127 -42.72 -18.54 -0.45
N TRP D 128 -41.47 -18.12 -0.66
CA TRP D 128 -41.15 -17.25 -1.79
C TRP D 128 -41.49 -17.93 -3.12
N GLU D 129 -41.10 -19.20 -3.25
CA GLU D 129 -41.36 -19.99 -4.46
C GLU D 129 -42.84 -20.30 -4.69
N SER D 130 -43.62 -20.44 -3.63
CA SER D 130 -45.05 -20.71 -3.83
C SER D 130 -45.69 -19.50 -4.52
N GLU D 131 -45.10 -18.33 -4.28
CA GLU D 131 -45.62 -17.09 -4.83
C GLU D 131 -44.98 -16.69 -6.16
N HIS D 132 -43.67 -16.91 -6.31
CA HIS D 132 -42.95 -16.41 -7.47
C HIS D 132 -42.45 -17.50 -8.40
N GLY D 133 -42.84 -18.75 -8.11
CA GLY D 133 -42.42 -19.87 -8.90
C GLY D 133 -41.07 -20.38 -8.42
N ARG D 134 -40.73 -21.58 -8.88
CA ARG D 134 -39.47 -22.23 -8.54
C ARG D 134 -38.28 -21.37 -9.00
N ILE D 135 -37.24 -21.31 -8.17
CA ILE D 135 -36.00 -20.64 -8.54
C ILE D 135 -35.39 -21.32 -9.76
N PRO D 136 -35.14 -20.57 -10.84
CA PRO D 136 -34.57 -21.21 -12.04
C PRO D 136 -33.18 -21.74 -11.78
N GLU D 137 -32.80 -22.81 -12.47
CA GLU D 137 -31.46 -23.35 -12.31
C GLU D 137 -30.41 -22.33 -12.71
N ASP D 138 -29.27 -22.35 -12.02
CA ASP D 138 -28.15 -21.48 -12.35
C ASP D 138 -28.49 -20.00 -12.21
N ALA D 139 -29.39 -19.69 -11.28
CA ALA D 139 -29.75 -18.32 -11.00
C ALA D 139 -28.92 -17.72 -9.86
N TRP D 140 -28.74 -16.40 -9.92
CA TRP D 140 -28.29 -15.64 -8.77
C TRP D 140 -29.46 -15.47 -7.80
N VAL D 141 -29.24 -15.73 -6.51
CA VAL D 141 -30.27 -15.47 -5.51
C VAL D 141 -29.82 -14.32 -4.60
N LEU D 142 -30.61 -13.25 -4.58
CA LEU D 142 -30.27 -12.08 -3.76
C LEU D 142 -31.20 -12.01 -2.57
N MET D 143 -30.60 -11.88 -1.39
CA MET D 143 -31.36 -11.65 -0.17
C MET D 143 -31.51 -10.15 0.06
N ARG D 144 -32.68 -9.62 -0.28
CA ARG D 144 -32.95 -8.21 -0.06
C ARG D 144 -33.27 -7.96 1.40
N THR D 145 -32.64 -6.95 1.98
CA THR D 145 -32.86 -6.63 3.38
C THR D 145 -32.98 -5.13 3.58
N ASP D 146 -32.69 -4.37 2.51
CA ASP D 146 -32.57 -2.92 2.56
C ASP D 146 -31.49 -2.49 3.56
N TRP D 147 -30.52 -3.38 3.81
CA TRP D 147 -29.44 -3.07 4.73
C TRP D 147 -28.57 -1.95 4.17
N SER D 148 -28.59 -1.81 2.85
CA SER D 148 -27.80 -0.80 2.15
C SER D 148 -28.22 0.63 2.45
N LYS D 149 -29.36 0.80 3.10
CA LYS D 149 -29.83 2.12 3.45
C LYS D 149 -29.17 2.61 4.73
N ARG D 150 -28.61 1.65 5.48
CA ARG D 150 -27.92 1.95 6.72
C ARG D 150 -26.56 2.60 6.45
N ARG D 151 -26.30 3.71 7.13
CA ARG D 151 -25.00 4.36 7.04
C ARG D 151 -24.37 4.41 8.43
N GLY D 152 -23.12 4.85 8.48
CA GLY D 152 -22.38 4.92 9.72
C GLY D 152 -22.07 3.54 10.23
N ALA D 153 -21.97 3.42 11.55
CA ALA D 153 -21.63 2.15 12.18
C ALA D 153 -22.76 1.14 12.07
N ASP D 154 -23.95 1.62 11.70
CA ASP D 154 -25.11 0.74 11.65
C ASP D 154 -25.01 -0.29 10.55
N TYR D 155 -24.16 -0.03 9.56
CA TYR D 155 -24.01 -0.93 8.44
C TYR D 155 -23.25 -2.21 8.80
N LEU D 156 -22.07 -2.07 9.41
CA LEU D 156 -21.38 -3.22 9.96
C LEU D 156 -22.14 -3.75 11.16
N ASN D 157 -22.67 -2.83 11.94
CA ASN D 157 -23.43 -3.14 13.15
C ASN D 157 -22.63 -4.00 14.12
N MET D 158 -21.40 -3.57 14.38
CA MET D 158 -20.49 -4.26 15.28
C MET D 158 -20.89 -4.09 16.76
N ARG D 159 -21.06 -5.20 17.46
CA ARG D 159 -21.28 -5.12 18.90
C ARG D 159 -20.12 -5.74 19.69
N ALA D 160 -20.25 -5.77 21.02
CA ALA D 160 -19.20 -6.30 21.87
C ALA D 160 -19.00 -7.79 21.60
N ASP D 161 -20.07 -8.48 21.21
CA ASP D 161 -20.02 -9.92 20.93
C ASP D 161 -19.96 -10.19 19.43
N GLY D 162 -19.58 -9.17 18.66
CA GLY D 162 -19.41 -9.30 17.23
C GLY D 162 -20.44 -8.54 16.43
N PRO D 163 -20.37 -8.66 15.09
CA PRO D 163 -21.31 -7.98 14.19
C PRO D 163 -22.69 -8.63 14.15
N HIS D 164 -23.71 -7.81 13.96
CA HIS D 164 -25.08 -8.30 13.85
C HIS D 164 -25.72 -7.80 12.56
N SER D 165 -25.94 -8.74 11.65
CA SER D 165 -26.51 -8.45 10.35
C SER D 165 -27.13 -9.72 9.79
N PRO D 166 -28.18 -9.57 8.95
CA PRO D 166 -28.90 -10.70 8.37
C PRO D 166 -28.03 -11.62 7.55
N GLY D 167 -28.52 -12.82 7.30
CA GLY D 167 -27.80 -13.77 6.50
C GLY D 167 -28.58 -15.05 6.40
N PRO D 168 -28.08 -16.00 5.59
CA PRO D 168 -28.72 -17.30 5.39
C PRO D 168 -28.28 -18.32 6.43
N THR D 169 -29.18 -19.24 6.76
CA THR D 169 -28.83 -20.38 7.62
C THR D 169 -28.07 -21.41 6.78
N PRO D 170 -27.31 -22.30 7.44
CA PRO D 170 -26.68 -23.39 6.70
C PRO D 170 -27.69 -24.21 5.89
N GLU D 171 -28.86 -24.46 6.45
CA GLU D 171 -29.90 -25.23 5.76
C GLU D 171 -30.44 -24.52 4.52
N ALA D 172 -30.56 -23.20 4.58
CA ALA D 172 -31.02 -22.43 3.42
C ALA D 172 -30.02 -22.55 2.27
N ILE D 173 -28.75 -22.39 2.60
CA ILE D 173 -27.70 -22.47 1.60
C ILE D 173 -27.62 -23.86 0.98
N ARG D 174 -27.64 -24.87 1.83
CA ARG D 174 -27.59 -26.25 1.35
C ARG D 174 -28.73 -26.55 0.40
N PHE D 175 -29.92 -26.05 0.74
CA PHE D 175 -31.08 -26.24 -0.11
C PHE D 175 -30.87 -25.57 -1.46
N LEU D 176 -30.39 -24.33 -1.45
CA LEU D 176 -30.20 -23.60 -2.68
C LEU D 176 -29.20 -24.30 -3.58
N ILE D 177 -28.14 -24.82 -2.98
CA ILE D 177 -27.11 -25.47 -3.77
C ILE D 177 -27.56 -26.84 -4.25
N GLU D 178 -27.97 -27.69 -3.32
CA GLU D 178 -28.22 -29.09 -3.62
C GLU D 178 -29.56 -29.30 -4.35
N GLU D 179 -30.55 -28.46 -4.06
CA GLU D 179 -31.90 -28.67 -4.59
C GLU D 179 -32.29 -27.73 -5.74
N ARG D 180 -31.53 -26.65 -5.93
CA ARG D 180 -31.85 -25.66 -6.98
C ARG D 180 -30.66 -25.35 -7.89
N ASN D 181 -29.46 -25.80 -7.50
CA ASN D 181 -28.23 -25.55 -8.25
C ASN D 181 -28.07 -24.07 -8.66
N ILE D 182 -28.13 -23.18 -7.69
CA ILE D 182 -27.96 -21.76 -7.93
C ILE D 182 -26.53 -21.45 -8.39
N ARG D 183 -26.37 -20.33 -9.07
CA ARG D 183 -25.08 -19.87 -9.52
C ARG D 183 -24.38 -19.17 -8.37
N GLY D 184 -25.15 -18.48 -7.55
CA GLY D 184 -24.55 -17.68 -6.49
C GLY D 184 -25.56 -17.04 -5.57
N PHE D 185 -25.05 -16.45 -4.50
CA PHE D 185 -25.85 -15.85 -3.44
C PHE D 185 -25.32 -14.46 -3.16
N GLY D 186 -26.23 -13.48 -3.08
CA GLY D 186 -25.82 -12.10 -2.88
C GLY D 186 -26.56 -11.42 -1.77
N THR D 187 -25.90 -10.45 -1.12
CA THR D 187 -26.48 -9.72 0.00
C THR D 187 -26.20 -8.22 -0.04
N GLU D 188 -26.91 -7.48 0.80
CA GLU D 188 -26.68 -6.04 0.94
C GLU D 188 -25.76 -5.75 2.11
N THR D 189 -25.37 -6.80 2.85
CA THR D 189 -24.47 -6.66 3.98
C THR D 189 -23.03 -6.90 3.50
N VAL D 190 -22.06 -6.80 4.41
CA VAL D 190 -20.64 -6.98 4.02
C VAL D 190 -20.26 -8.43 3.73
N GLY D 191 -21.04 -9.37 4.26
CA GLY D 191 -20.75 -10.78 4.03
C GLY D 191 -21.92 -11.57 3.51
N THR D 192 -21.62 -12.72 2.91
CA THR D 192 -22.64 -13.66 2.46
C THR D 192 -23.13 -14.50 3.64
N ASP D 193 -22.38 -14.46 4.74
CA ASP D 193 -22.82 -15.06 6.00
C ASP D 193 -23.46 -14.02 6.91
N ALA D 194 -24.32 -14.47 7.82
CA ALA D 194 -24.82 -13.57 8.83
C ALA D 194 -23.66 -12.99 9.62
N GLY D 195 -23.88 -11.83 10.25
CA GLY D 195 -22.87 -11.19 11.06
C GLY D 195 -22.34 -12.14 12.14
N GLN D 196 -23.24 -12.93 12.71
CA GLN D 196 -22.85 -13.87 13.77
C GLN D 196 -22.46 -15.24 13.22
N GLY D 197 -22.12 -15.27 11.92
CA GLY D 197 -21.82 -16.50 11.22
C GLY D 197 -20.61 -17.27 11.74
N ALA D 198 -19.76 -16.60 12.52
CA ALA D 198 -18.60 -17.28 13.10
C ALA D 198 -19.06 -18.36 14.08
N HIS D 199 -20.30 -18.28 14.55
CA HIS D 199 -20.77 -19.20 15.58
C HIS D 199 -21.66 -20.32 15.05
N TYR D 200 -21.82 -20.37 13.74
CA TYR D 200 -22.52 -21.49 13.11
C TYR D 200 -21.63 -22.73 13.02
N VAL D 201 -22.24 -23.84 12.63
CA VAL D 201 -21.49 -25.05 12.32
C VAL D 201 -21.85 -25.51 10.91
N PRO D 202 -20.88 -25.42 9.97
CA PRO D 202 -19.49 -24.99 10.20
C PRO D 202 -19.37 -23.47 10.34
N PRO D 203 -18.29 -22.96 10.97
CA PRO D 203 -18.11 -21.51 11.07
C PRO D 203 -18.17 -20.90 9.68
N TYR D 204 -18.91 -19.80 9.52
CA TYR D 204 -19.17 -19.18 8.23
C TYR D 204 -19.70 -20.19 7.19
N PRO D 205 -20.88 -20.78 7.45
CA PRO D 205 -21.40 -21.89 6.64
C PRO D 205 -21.71 -21.50 5.20
N ALA D 206 -22.17 -20.27 4.97
CA ALA D 206 -22.46 -19.81 3.61
C ALA D 206 -21.21 -19.89 2.74
N HIS D 207 -20.10 -19.37 3.24
CA HIS D 207 -18.83 -19.43 2.54
C HIS D 207 -18.40 -20.87 2.32
N TYR D 208 -18.41 -21.64 3.38
CA TYR D 208 -17.95 -23.02 3.31
C TYR D 208 -18.78 -23.82 2.29
N LEU D 209 -20.10 -23.70 2.35
CA LEU D 209 -20.97 -24.49 1.48
C LEU D 209 -20.99 -23.94 0.06
N LEU D 210 -21.17 -22.63 -0.09
CA LEU D 210 -21.22 -22.04 -1.42
C LEU D 210 -19.94 -22.27 -2.20
N HIS D 211 -18.82 -21.90 -1.61
CA HIS D 211 -17.55 -21.94 -2.34
C HIS D 211 -17.05 -23.38 -2.50
N GLY D 212 -17.40 -24.24 -1.56
CA GLY D 212 -17.10 -25.66 -1.68
C GLY D 212 -17.83 -26.33 -2.82
N ALA D 213 -18.97 -25.78 -3.21
CA ALA D 213 -19.74 -26.29 -4.31
C ALA D 213 -19.45 -25.53 -5.61
N GLY D 214 -18.46 -24.65 -5.56
CA GLY D 214 -18.05 -23.88 -6.73
C GLY D 214 -19.01 -22.75 -7.08
N LYS D 215 -19.73 -22.25 -6.09
CA LYS D 215 -20.67 -21.17 -6.34
C LYS D 215 -20.08 -19.82 -5.94
N TYR D 216 -20.76 -18.75 -6.31
CA TYR D 216 -20.21 -17.41 -6.13
C TYR D 216 -20.96 -16.61 -5.08
N GLY D 217 -20.33 -15.57 -4.58
CA GLY D 217 -21.01 -14.66 -3.66
C GLY D 217 -20.98 -13.22 -4.17
N LEU D 218 -22.00 -12.45 -3.81
CA LEU D 218 -21.98 -10.99 -3.98
C LEU D 218 -22.29 -10.33 -2.65
N GLN D 219 -21.58 -9.26 -2.37
CA GLN D 219 -21.74 -8.54 -1.12
C GLN D 219 -21.86 -7.05 -1.34
N CYS D 220 -22.46 -6.38 -0.37
CA CYS D 220 -22.59 -4.92 -0.36
C CYS D 220 -23.34 -4.43 -1.58
N LEU D 221 -24.37 -5.19 -1.98
CA LEU D 221 -25.22 -4.79 -3.10
C LEU D 221 -26.11 -3.63 -2.69
N ALA D 222 -26.41 -2.76 -3.65
CA ALA D 222 -27.29 -1.63 -3.37
C ALA D 222 -28.54 -1.70 -4.26
N ASN D 223 -29.57 -0.95 -3.87
CA ASN D 223 -30.78 -0.77 -4.68
C ASN D 223 -31.57 -2.04 -5.00
N LEU D 224 -31.51 -3.05 -4.13
CA LEU D 224 -32.28 -4.27 -4.36
C LEU D 224 -33.79 -4.00 -4.32
N ASP D 225 -34.18 -2.94 -3.62
CA ASP D 225 -35.60 -2.58 -3.54
C ASP D 225 -36.11 -2.05 -4.88
N GLN D 226 -35.23 -1.88 -5.85
CA GLN D 226 -35.66 -1.40 -7.17
C GLN D 226 -35.82 -2.55 -8.15
N LEU D 227 -35.62 -3.76 -7.68
CA LEU D 227 -35.67 -4.93 -8.55
C LEU D 227 -36.98 -5.68 -8.42
N PRO D 228 -37.44 -6.32 -9.51
CA PRO D 228 -38.58 -7.24 -9.43
C PRO D 228 -38.13 -8.56 -8.78
N ALA D 229 -39.07 -9.31 -8.21
CA ALA D 229 -38.75 -10.60 -7.59
C ALA D 229 -38.14 -11.57 -8.61
N THR D 230 -38.72 -11.59 -9.81
CA THR D 230 -38.29 -12.46 -10.90
C THR D 230 -38.22 -11.64 -12.18
N GLY D 231 -37.49 -12.14 -13.18
CA GLY D 231 -37.50 -11.53 -14.50
C GLY D 231 -36.32 -10.65 -14.87
N ALA D 232 -35.53 -10.24 -13.88
CA ALA D 232 -34.37 -9.40 -14.16
C ALA D 232 -33.18 -10.27 -14.54
N VAL D 233 -32.23 -9.65 -15.22
CA VAL D 233 -30.97 -10.27 -15.58
C VAL D 233 -29.83 -9.53 -14.89
N LEU D 234 -28.98 -10.27 -14.18
CA LEU D 234 -27.90 -9.68 -13.43
C LEU D 234 -26.62 -9.69 -14.25
N ILE D 235 -25.88 -8.60 -14.20
CA ILE D 235 -24.54 -8.53 -14.80
C ILE D 235 -23.53 -8.39 -13.67
N ALA D 236 -22.70 -9.41 -13.49
CA ALA D 236 -21.73 -9.38 -12.42
C ALA D 236 -20.40 -9.96 -12.90
N ALA D 237 -19.61 -9.13 -13.57
CA ALA D 237 -18.33 -9.54 -14.13
C ALA D 237 -17.15 -9.01 -13.32
N PRO D 238 -16.49 -9.89 -12.55
CA PRO D 238 -15.38 -9.43 -11.70
C PRO D 238 -14.14 -9.11 -12.49
N LEU D 239 -13.25 -8.30 -11.93
CA LEU D 239 -11.95 -8.03 -12.54
C LEU D 239 -11.20 -9.34 -12.80
N LYS D 240 -10.45 -9.38 -13.90
CA LYS D 240 -9.72 -10.58 -14.29
C LYS D 240 -8.39 -10.63 -13.55
N ILE D 241 -8.45 -10.69 -12.22
CA ILE D 241 -7.27 -10.74 -11.38
C ILE D 241 -6.60 -12.11 -11.43
N LYS D 242 -5.31 -12.13 -11.75
CA LYS D 242 -4.54 -13.36 -11.79
C LYS D 242 -4.65 -14.11 -10.46
N ASN D 243 -5.18 -15.33 -10.51
CA ASN D 243 -5.41 -16.16 -9.31
C ASN D 243 -6.25 -15.46 -8.22
N GLY D 244 -7.11 -14.54 -8.65
CA GLY D 244 -7.89 -13.76 -7.71
C GLY D 244 -9.00 -14.50 -7.02
N THR D 245 -9.27 -14.15 -5.77
CA THR D 245 -10.32 -14.80 -4.97
C THR D 245 -11.64 -14.02 -5.05
N GLY D 246 -11.61 -12.91 -5.76
CA GLY D 246 -12.79 -12.06 -5.87
C GLY D 246 -12.34 -10.70 -6.39
N SER D 247 -13.27 -9.75 -6.51
CA SER D 247 -12.87 -8.40 -6.85
C SER D 247 -14.03 -7.45 -6.63
N PRO D 248 -13.72 -6.18 -6.38
CA PRO D 248 -14.78 -5.18 -6.52
C PRO D 248 -15.26 -5.19 -7.96
N LEU D 249 -16.51 -4.81 -8.20
CA LEU D 249 -17.03 -4.75 -9.56
C LEU D 249 -18.26 -3.87 -9.60
N ARG D 250 -18.63 -3.50 -10.82
CA ARG D 250 -19.89 -2.80 -11.05
C ARG D 250 -20.98 -3.80 -11.32
N VAL D 251 -21.84 -4.04 -10.33
CA VAL D 251 -22.95 -4.96 -10.50
C VAL D 251 -24.15 -4.23 -11.07
N LEU D 252 -24.73 -4.77 -12.14
CA LEU D 252 -25.90 -4.18 -12.77
C LEU D 252 -27.02 -5.20 -12.91
N ALA D 253 -28.26 -4.71 -12.93
CA ALA D 253 -29.38 -5.55 -13.29
C ALA D 253 -30.11 -4.91 -14.46
N MET D 254 -30.50 -5.71 -15.45
CA MET D 254 -31.37 -5.23 -16.52
C MET D 254 -32.81 -5.63 -16.18
N VAL D 255 -33.74 -4.68 -16.24
CA VAL D 255 -35.11 -4.99 -15.86
C VAL D 255 -36.08 -4.46 -16.93
N THR D 256 -37.14 -5.23 -17.20
CA THR D 256 -38.15 -4.82 -18.17
C THR D 256 -39.25 -4.02 -17.49
#